data_4O2F
#
_entry.id   4O2F
#
_cell.length_a   78.369
_cell.length_b   95.918
_cell.length_c   122.930
_cell.angle_alpha   90.00
_cell.angle_beta   90.00
_cell.angle_gamma   90.00
#
_symmetry.space_group_name_H-M   'P 21 21 21'
#
loop_
_entity.id
_entity.type
_entity.pdbx_description
1 polymer 'HLA class I histocompatibility antigen, B-39 alpha chain'
2 polymer Beta-2-microglobulin
3 polymer 'Peptide from ATP-dependent RNA helicase DDX3X'
4 water water
#
loop_
_entity_poly.entity_id
_entity_poly.type
_entity_poly.pdbx_seq_one_letter_code
_entity_poly.pdbx_strand_id
1 'polypeptide(L)'
;GSHSMRYFYTSVSRPGRGEPRFISVGYVDDTQFVRFDSDAASPREEPRAPWIEQEGPEYWDRNTQICKTNTQTDRESLRN
LRGYYNQSEAGSHTLQRMYGCDVGPDGRLLRGHNQFAYDGKDYIALNEDLSSWTAADTAAQITQRKWEAARVAEQLRTYL
EGTCVEWLRRYLENGKETLQRADPPKTHVTHHPISDHEATLRCWALGFYPAEITLTWQRDGEDQTQDTELVETRPAGDRT
FQKWAAVVVPSGEEQRYTCHVQHEGLPKPLTLRW
;
A,D
2 'polypeptide(L)'
;IQRTPKIQVYSRHPAENGKSNFLNCYVSGFHPSDIEVDLLKNGERIEKVEHSDLSFSKDWSFYLLYYTEFTPTEKDEYAC
RVNHVTLSQPKIVKWDRDM
;
B,E
3 'polypeptide(L)' HVAVENAL C,F
#
# COMPACT_ATOMS: atom_id res chain seq x y z
N GLY A 1 12.77 -22.06 -10.96
CA GLY A 1 13.12 -21.32 -12.15
C GLY A 1 14.56 -20.83 -12.10
N SER A 2 14.84 -19.78 -12.87
CA SER A 2 16.18 -19.21 -12.92
C SER A 2 16.13 -17.71 -13.13
N HIS A 3 17.11 -16.99 -12.61
CA HIS A 3 17.19 -15.56 -12.86
C HIS A 3 17.58 -15.30 -14.31
N SER A 4 17.17 -14.16 -14.84
CA SER A 4 17.42 -13.86 -16.24
C SER A 4 17.68 -12.38 -16.48
N MET A 5 18.34 -12.09 -17.60
CA MET A 5 18.44 -10.72 -18.10
C MET A 5 17.95 -10.73 -19.54
N ARG A 6 17.26 -9.67 -19.93
CA ARG A 6 16.72 -9.55 -21.27
C ARG A 6 16.83 -8.10 -21.75
N TYR A 7 17.22 -7.94 -23.00
CA TYR A 7 17.08 -6.65 -23.68
C TYR A 7 16.00 -6.78 -24.75
N PHE A 8 15.16 -5.75 -24.86
CA PHE A 8 14.10 -5.71 -25.85
C PHE A 8 14.29 -4.49 -26.73
N TYR A 9 14.59 -4.72 -28.01
CA TYR A 9 14.74 -3.64 -28.96
C TYR A 9 13.50 -3.49 -29.83
N THR A 10 13.09 -2.26 -30.10
CA THR A 10 11.99 -2.00 -31.02
C THR A 10 12.35 -0.84 -31.96
N SER A 11 12.36 -1.12 -33.27
CA SER A 11 12.53 -0.06 -34.26
C SER A 11 11.30 0.00 -35.15
N VAL A 12 10.79 1.21 -35.37
CA VAL A 12 9.58 1.41 -36.15
C VAL A 12 9.82 2.50 -37.20
N SER A 13 9.61 2.16 -38.46
CA SER A 13 9.79 3.14 -39.53
C SER A 13 8.61 4.10 -39.60
N ARG A 14 8.84 5.27 -40.16
CA ARG A 14 7.82 6.30 -40.25
C ARG A 14 8.06 7.13 -41.51
N PRO A 15 7.81 6.53 -42.68
CA PRO A 15 8.09 7.12 -43.99
C PRO A 15 7.49 8.51 -44.14
N GLY A 16 8.28 9.46 -44.61
CA GLY A 16 7.84 10.82 -44.79
C GLY A 16 8.00 11.66 -43.53
N ARG A 17 8.36 11.00 -42.43
CA ARG A 17 8.48 11.67 -41.15
C ARG A 17 9.82 11.39 -40.46
N GLY A 18 10.86 11.19 -41.27
CA GLY A 18 12.19 10.98 -40.75
C GLY A 18 12.61 9.53 -40.66
N GLU A 19 13.70 9.29 -39.94
CA GLU A 19 14.26 7.95 -39.81
C GLU A 19 13.53 7.14 -38.74
N PRO A 20 13.63 5.81 -38.81
CA PRO A 20 12.99 4.93 -37.82
C PRO A 20 13.47 5.23 -36.40
N ARG A 21 12.54 5.19 -35.45
CA ARG A 21 12.86 5.41 -34.04
C ARG A 21 13.25 4.09 -33.38
N PHE A 22 14.39 4.09 -32.68
CA PHE A 22 14.86 2.91 -31.96
C PHE A 22 14.67 3.07 -30.47
N ILE A 23 14.08 2.06 -29.85
CA ILE A 23 13.89 2.06 -28.40
C ILE A 23 14.40 0.77 -27.81
N SER A 24 15.12 0.88 -26.69
CA SER A 24 15.64 -0.29 -26.01
C SER A 24 15.30 -0.24 -24.54
N VAL A 25 14.86 -1.37 -23.99
CA VAL A 25 14.70 -1.51 -22.57
C VAL A 25 15.39 -2.79 -22.11
N GLY A 26 15.94 -2.76 -20.90
CA GLY A 26 16.59 -3.91 -20.32
C GLY A 26 15.90 -4.34 -19.05
N TYR A 27 15.81 -5.65 -18.84
CA TYR A 27 15.18 -6.20 -17.65
C TYR A 27 16.09 -7.22 -16.97
N VAL A 28 16.05 -7.21 -15.64
CA VAL A 28 16.54 -8.34 -14.86
C VAL A 28 15.35 -9.03 -14.20
N ASP A 29 15.00 -10.21 -14.69
CA ASP A 29 13.76 -10.85 -14.29
C ASP A 29 12.68 -9.83 -14.66
N ASP A 30 11.73 -9.59 -13.77
CA ASP A 30 10.66 -8.64 -14.04
C ASP A 30 10.89 -7.18 -13.68
N THR A 31 12.15 -6.81 -13.49
CA THR A 31 12.51 -5.45 -13.13
C THR A 31 13.24 -4.73 -14.27
N GLN A 32 12.66 -3.65 -14.77
CA GLN A 32 13.34 -2.86 -15.79
C GLN A 32 14.45 -2.04 -15.14
N PHE A 33 15.62 -1.98 -15.76
CA PHE A 33 16.74 -1.27 -15.17
C PHE A 33 17.39 -0.20 -16.07
N VAL A 34 17.18 -0.29 -17.38
CA VAL A 34 17.68 0.74 -18.29
C VAL A 34 16.71 1.02 -19.44
N ARG A 35 16.87 2.18 -20.06
CA ARG A 35 16.09 2.55 -21.23
C ARG A 35 16.93 3.40 -22.17
N PHE A 36 16.61 3.35 -23.45
CA PHE A 36 17.23 4.19 -24.46
C PHE A 36 16.19 4.58 -25.50
N ASP A 37 16.21 5.84 -25.92
CA ASP A 37 15.28 6.34 -26.92
C ASP A 37 16.04 7.19 -27.94
N SER A 38 16.02 6.78 -29.20
CA SER A 38 16.81 7.45 -30.22
C SER A 38 16.28 8.84 -30.56
N ASP A 39 15.01 9.10 -30.24
CA ASP A 39 14.43 10.41 -30.50
C ASP A 39 14.85 11.46 -29.47
N ALA A 40 15.42 10.99 -28.36
CA ALA A 40 15.85 11.90 -27.30
C ALA A 40 16.81 12.95 -27.84
N ALA A 41 16.80 14.13 -27.23
CA ALA A 41 17.69 15.21 -27.63
C ALA A 41 19.16 14.76 -27.58
N SER A 42 19.58 14.30 -26.40
CA SER A 42 20.91 13.71 -26.26
C SER A 42 20.77 12.22 -25.95
N PRO A 43 20.53 11.40 -26.99
CA PRO A 43 20.26 9.98 -26.75
C PRO A 43 21.26 9.35 -25.80
N ARG A 44 20.78 8.93 -24.63
CA ARG A 44 21.62 8.28 -23.63
C ARG A 44 20.91 7.06 -23.06
N GLU A 45 21.66 6.02 -22.73
CA GLU A 45 21.11 4.94 -21.92
C GLU A 45 20.89 5.49 -20.52
N GLU A 46 19.69 5.32 -20.00
CA GLU A 46 19.33 5.91 -18.71
C GLU A 46 18.90 4.85 -17.71
N PRO A 47 19.22 5.06 -16.43
CA PRO A 47 18.87 4.15 -15.34
C PRO A 47 17.37 4.14 -15.08
N ARG A 48 16.88 3.02 -14.66
CA ARG A 48 15.50 2.85 -14.46
C ARG A 48 15.18 2.06 -13.19
N ALA A 49 16.25 1.66 -12.53
CA ALA A 49 16.20 0.97 -11.24
C ALA A 49 17.30 1.52 -10.33
N PRO A 50 17.03 1.58 -9.02
CA PRO A 50 17.97 2.18 -8.06
C PRO A 50 19.35 1.54 -8.06
N TRP A 51 19.41 0.22 -8.22
CA TRP A 51 20.68 -0.50 -8.07
C TRP A 51 21.63 -0.39 -9.26
N ILE A 52 21.17 0.22 -10.35
CA ILE A 52 22.02 0.41 -11.52
C ILE A 52 22.66 1.79 -11.53
N GLU A 53 22.11 2.70 -10.73
CA GLU A 53 22.58 4.08 -10.71
C GLU A 53 24.06 4.19 -10.33
N GLN A 54 24.55 3.20 -9.58
CA GLN A 54 25.93 3.20 -9.09
C GLN A 54 26.97 2.94 -10.18
N GLU A 55 26.52 2.44 -11.33
CA GLU A 55 27.44 2.18 -12.44
C GLU A 55 28.09 3.49 -12.90
N GLY A 56 29.38 3.41 -13.22
CA GLY A 56 30.15 4.60 -13.60
C GLY A 56 29.91 5.07 -15.02
N PRO A 57 30.42 6.27 -15.34
CA PRO A 57 30.24 6.89 -16.66
C PRO A 57 30.75 6.02 -17.82
N GLU A 58 31.71 5.19 -17.57
CA GLU A 58 32.22 4.31 -18.59
C GLU A 58 31.12 3.31 -19.01
N TYR A 59 30.37 2.82 -18.05
CA TYR A 59 29.25 1.94 -18.30
C TYR A 59 28.22 2.63 -19.19
N TRP A 60 27.82 3.83 -18.78
CA TRP A 60 26.80 4.57 -19.50
C TRP A 60 27.27 5.03 -20.88
N ASP A 61 28.53 5.42 -21.00
CA ASP A 61 29.09 5.82 -22.29
C ASP A 61 29.12 4.64 -23.26
N ARG A 62 29.57 3.50 -22.80
CA ARG A 62 29.71 2.32 -23.64
C ARG A 62 28.36 1.83 -24.16
N ASN A 63 27.43 1.73 -23.24
CA ASN A 63 26.10 1.25 -23.61
C ASN A 63 25.34 2.25 -24.46
N THR A 64 25.53 3.54 -24.17
CA THR A 64 24.94 4.58 -25.00
C THR A 64 25.46 4.45 -26.43
N GLN A 65 26.76 4.21 -26.59
CA GLN A 65 27.35 4.08 -27.91
C GLN A 65 26.81 2.85 -28.65
N ILE A 66 26.68 1.74 -27.94
CA ILE A 66 26.13 0.53 -28.55
C ILE A 66 24.70 0.77 -29.03
N CYS A 67 23.91 1.49 -28.23
CA CYS A 67 22.54 1.81 -28.61
C CYS A 67 22.49 2.73 -29.82
N LYS A 68 23.40 3.69 -29.89
CA LYS A 68 23.50 4.56 -31.05
C LYS A 68 23.86 3.76 -32.30
N THR A 69 24.79 2.82 -32.14
CA THR A 69 25.18 1.95 -33.25
C THR A 69 24.01 1.08 -33.67
N ASN A 70 23.30 0.53 -32.68
CA ASN A 70 22.13 -0.30 -32.95
C ASN A 70 21.03 0.47 -33.67
N THR A 71 20.90 1.76 -33.36
CA THR A 71 19.91 2.60 -34.02
C THR A 71 20.18 2.63 -35.52
N GLN A 72 21.43 2.87 -35.90
CA GLN A 72 21.82 2.93 -37.30
C GLN A 72 21.70 1.56 -37.97
N THR A 73 22.09 0.51 -37.25
CA THR A 73 22.03 -0.84 -37.80
C THR A 73 20.59 -1.28 -38.08
N ASP A 74 19.69 -0.97 -37.16
CA ASP A 74 18.28 -1.30 -37.34
C ASP A 74 17.67 -0.58 -38.54
N ARG A 75 18.13 0.65 -38.79
CA ARG A 75 17.66 1.39 -39.95
C ARG A 75 18.11 0.71 -41.23
N GLU A 76 19.29 0.15 -41.25
CA GLU A 76 19.81 -0.61 -42.38
C GLU A 76 19.01 -1.88 -42.52
N SER A 77 18.74 -2.53 -41.40
CA SER A 77 17.96 -3.76 -41.42
C SER A 77 16.57 -3.54 -41.98
N LEU A 78 15.92 -2.46 -41.55
CA LEU A 78 14.56 -2.16 -42.02
C LEU A 78 14.55 -1.93 -43.53
N ARG A 79 15.53 -1.21 -44.02
CA ARG A 79 15.69 -1.01 -45.46
C ARG A 79 15.86 -2.37 -46.14
N ASN A 80 16.73 -3.19 -45.59
CA ASN A 80 17.01 -4.49 -46.17
C ASN A 80 15.77 -5.38 -46.24
N LEU A 81 15.02 -5.43 -45.14
CA LEU A 81 13.81 -6.23 -45.06
C LEU A 81 12.79 -5.81 -46.10
N ARG A 82 12.63 -4.54 -46.29
CA ARG A 82 11.73 -4.04 -47.29
C ARG A 82 12.07 -4.62 -48.64
N GLY A 83 13.33 -4.68 -48.94
CA GLY A 83 13.77 -5.26 -50.20
C GLY A 83 13.46 -6.74 -50.30
N TYR A 84 13.74 -7.49 -49.23
CA TYR A 84 13.48 -8.93 -49.21
C TYR A 84 12.01 -9.23 -49.50
N TYR A 85 11.12 -8.42 -48.94
CA TYR A 85 9.69 -8.68 -49.05
C TYR A 85 9.04 -7.91 -50.19
N ASN A 86 9.85 -7.20 -50.97
CA ASN A 86 9.35 -6.41 -52.09
C ASN A 86 8.25 -5.45 -51.66
N GLN A 87 8.49 -4.74 -50.58
CA GLN A 87 7.54 -3.77 -50.05
C GLN A 87 7.95 -2.36 -50.44
N SER A 88 6.98 -1.45 -50.55
CA SER A 88 7.27 -0.08 -50.94
C SER A 88 7.76 0.70 -49.73
N GLU A 89 8.20 1.93 -49.96
CA GLU A 89 8.74 2.74 -48.88
C GLU A 89 7.65 3.62 -48.24
N ALA A 90 6.39 3.33 -48.57
CA ALA A 90 5.27 4.12 -48.09
C ALA A 90 4.73 3.66 -46.72
N GLY A 91 4.81 2.36 -46.48
CA GLY A 91 4.22 1.79 -45.26
C GLY A 91 5.17 1.74 -44.08
N SER A 92 4.60 1.81 -42.88
CA SER A 92 5.37 1.69 -41.64
C SER A 92 5.63 0.22 -41.31
N HIS A 93 6.84 -0.08 -40.87
CA HIS A 93 7.20 -1.46 -40.53
C HIS A 93 7.94 -1.53 -39.19
N THR A 94 7.89 -2.71 -38.57
CA THR A 94 8.42 -2.88 -37.23
C THR A 94 9.45 -4.00 -37.16
N LEU A 95 10.55 -3.74 -36.46
CA LEU A 95 11.56 -4.75 -36.21
C LEU A 95 11.77 -4.88 -34.71
N GLN A 96 11.64 -6.10 -34.19
CA GLN A 96 11.79 -6.34 -32.76
C GLN A 96 12.88 -7.36 -32.49
N ARG A 97 13.59 -7.17 -31.39
CA ARG A 97 14.60 -8.15 -30.99
C ARG A 97 14.53 -8.37 -29.49
N MET A 98 14.65 -9.62 -29.08
CA MET A 98 14.80 -9.95 -27.67
C MET A 98 16.01 -10.85 -27.55
N TYR A 99 16.87 -10.56 -26.57
CA TYR A 99 18.00 -11.44 -26.29
C TYR A 99 18.39 -11.35 -24.84
N GLY A 100 19.10 -12.37 -24.36
CA GLY A 100 19.52 -12.39 -22.97
C GLY A 100 19.86 -13.78 -22.50
N CYS A 101 20.08 -13.92 -21.21
CA CYS A 101 20.56 -15.15 -20.65
C CYS A 101 19.77 -15.55 -19.42
N ASP A 102 19.73 -16.83 -19.15
CA ASP A 102 19.27 -17.37 -17.88
C ASP A 102 20.48 -17.97 -17.19
N VAL A 103 20.72 -17.60 -15.94
CA VAL A 103 21.87 -18.13 -15.20
C VAL A 103 21.45 -19.29 -14.29
N GLY A 104 22.29 -20.31 -14.21
CA GLY A 104 22.02 -21.47 -13.38
C GLY A 104 22.61 -21.35 -11.99
N PRO A 105 22.33 -22.32 -11.11
CA PRO A 105 22.79 -22.30 -9.72
C PRO A 105 24.32 -22.27 -9.61
N ASP A 106 25.00 -22.77 -10.63
CA ASP A 106 26.46 -22.76 -10.64
C ASP A 106 27.03 -21.44 -11.13
N GLY A 107 26.15 -20.55 -11.58
CA GLY A 107 26.59 -19.25 -12.06
C GLY A 107 26.94 -19.25 -13.54
N ARG A 108 26.72 -20.39 -14.20
CA ARG A 108 26.94 -20.49 -15.64
C ARG A 108 25.64 -20.30 -16.40
N LEU A 109 25.76 -20.03 -17.70
CA LEU A 109 24.59 -19.90 -18.56
C LEU A 109 23.76 -21.17 -18.54
N LEU A 110 22.48 -21.03 -18.24
CA LEU A 110 21.53 -22.14 -18.29
C LEU A 110 20.92 -22.23 -19.68
N ARG A 111 20.60 -21.06 -20.24
CA ARG A 111 20.06 -20.98 -21.59
C ARG A 111 20.17 -19.58 -22.15
N GLY A 112 20.55 -19.49 -23.42
CA GLY A 112 20.69 -18.20 -24.08
C GLY A 112 19.54 -17.96 -25.04
N HIS A 113 19.27 -16.69 -25.33
CA HIS A 113 18.19 -16.31 -26.22
C HIS A 113 18.63 -15.17 -27.15
N ASN A 114 18.14 -15.20 -28.38
CA ASN A 114 18.38 -14.14 -29.34
C ASN A 114 17.47 -14.31 -30.56
N GLN A 115 16.32 -13.66 -30.54
CA GLN A 115 15.33 -13.83 -31.61
C GLN A 115 14.79 -12.52 -32.13
N PHE A 116 14.34 -12.54 -33.38
CA PHE A 116 13.85 -11.34 -34.05
C PHE A 116 12.45 -11.55 -34.60
N ALA A 117 11.69 -10.47 -34.70
CA ALA A 117 10.40 -10.48 -35.34
C ALA A 117 10.25 -9.28 -36.29
N TYR A 118 9.65 -9.50 -37.44
CA TYR A 118 9.38 -8.43 -38.38
C TYR A 118 7.87 -8.32 -38.56
N ASP A 119 7.36 -7.10 -38.39
CA ASP A 119 5.93 -6.85 -38.43
C ASP A 119 5.13 -7.83 -37.58
N GLY A 120 5.63 -8.12 -36.39
CA GLY A 120 4.91 -8.90 -35.40
C GLY A 120 5.03 -10.41 -35.57
N LYS A 121 5.78 -10.86 -36.57
CA LYS A 121 5.92 -12.26 -36.87
C LYS A 121 7.38 -12.73 -36.62
N ASP A 122 7.52 -13.93 -36.10
CA ASP A 122 8.84 -14.55 -35.98
C ASP A 122 9.61 -14.44 -37.29
N TYR A 123 10.85 -13.97 -37.21
CA TYR A 123 11.67 -13.82 -38.40
C TYR A 123 12.85 -14.79 -38.35
N ILE A 124 13.70 -14.62 -37.36
CA ILE A 124 14.84 -15.52 -37.18
C ILE A 124 15.20 -15.62 -35.71
N ALA A 125 15.67 -16.79 -35.29
CA ALA A 125 16.04 -17.02 -33.90
C ALA A 125 17.28 -17.89 -33.79
N LEU A 126 18.10 -17.60 -32.79
CA LEU A 126 19.25 -18.44 -32.48
C LEU A 126 18.78 -19.65 -31.68
N ASN A 127 19.07 -20.84 -32.18
CA ASN A 127 18.66 -22.07 -31.51
C ASN A 127 19.34 -22.27 -30.17
N GLU A 128 18.77 -23.14 -29.33
CA GLU A 128 19.28 -23.35 -27.98
C GLU A 128 20.75 -23.77 -27.94
N ASP A 129 21.21 -24.43 -29.00
CA ASP A 129 22.61 -24.85 -29.07
C ASP A 129 23.55 -23.67 -29.30
N LEU A 130 22.96 -22.50 -29.57
CA LEU A 130 23.72 -21.26 -29.76
C LEU A 130 24.71 -21.36 -30.91
N SER A 131 24.44 -22.26 -31.86
CA SER A 131 25.36 -22.50 -32.96
C SER A 131 24.65 -22.55 -34.31
N SER A 132 23.32 -22.49 -34.28
CA SER A 132 22.53 -22.57 -35.50
C SER A 132 21.29 -21.68 -35.42
N TRP A 133 20.66 -21.44 -36.57
CA TRP A 133 19.54 -20.52 -36.64
C TRP A 133 18.26 -21.21 -37.13
N THR A 134 17.12 -20.71 -36.67
CA THR A 134 15.83 -21.10 -37.22
C THR A 134 15.24 -19.92 -37.97
N ALA A 135 15.13 -20.05 -39.28
CA ALA A 135 14.63 -18.98 -40.13
C ALA A 135 13.18 -19.26 -40.53
N ALA A 136 12.32 -18.26 -40.36
CA ALA A 136 10.88 -18.45 -40.56
C ALA A 136 10.47 -18.52 -42.04
N ASP A 137 11.17 -17.79 -42.90
CA ASP A 137 10.80 -17.74 -44.31
C ASP A 137 11.99 -17.48 -45.22
N THR A 138 11.74 -17.42 -46.52
CA THR A 138 12.81 -17.27 -47.50
C THR A 138 13.62 -15.99 -47.32
N ALA A 139 12.97 -14.93 -46.87
CA ALA A 139 13.66 -13.68 -46.57
C ALA A 139 14.64 -13.89 -45.42
N ALA A 140 14.18 -14.54 -44.35
CA ALA A 140 15.01 -14.82 -43.20
C ALA A 140 16.19 -15.74 -43.55
N GLN A 141 16.03 -16.52 -44.62
CA GLN A 141 17.12 -17.41 -45.04
C GLN A 141 18.26 -16.63 -45.70
N ILE A 142 17.94 -15.45 -46.25
CA ILE A 142 18.98 -14.54 -46.74
C ILE A 142 19.79 -14.01 -45.56
N THR A 143 19.09 -13.56 -44.53
CA THR A 143 19.73 -13.10 -43.31
C THR A 143 20.58 -14.20 -42.71
N GLN A 144 20.05 -15.41 -42.67
CA GLN A 144 20.77 -16.54 -42.11
C GLN A 144 22.10 -16.74 -42.80
N ARG A 145 22.09 -16.68 -44.14
CA ARG A 145 23.32 -16.86 -44.91
C ARG A 145 24.36 -15.78 -44.58
N LYS A 146 23.91 -14.53 -44.46
CA LYS A 146 24.82 -13.44 -44.09
C LYS A 146 25.43 -13.69 -42.72
N TRP A 147 24.60 -14.11 -41.77
CA TRP A 147 25.05 -14.28 -40.39
C TRP A 147 25.91 -15.51 -40.20
N GLU A 148 25.66 -16.51 -41.01
CA GLU A 148 26.52 -17.69 -40.99
C GLU A 148 27.91 -17.29 -41.48
N ALA A 149 27.97 -16.63 -42.60
CA ALA A 149 29.23 -16.18 -43.18
C ALA A 149 29.98 -15.23 -42.24
N ALA A 150 29.23 -14.41 -41.50
CA ALA A 150 29.84 -13.45 -40.60
C ALA A 150 30.10 -14.05 -39.22
N ARG A 151 29.77 -15.33 -39.05
CA ARG A 151 30.00 -16.04 -37.80
C ARG A 151 29.31 -15.35 -36.63
N VAL A 152 28.09 -14.89 -36.84
CA VAL A 152 27.35 -14.18 -35.81
C VAL A 152 27.04 -15.07 -34.60
N ALA A 153 26.64 -16.31 -34.86
CA ALA A 153 26.29 -17.23 -33.78
C ALA A 153 27.41 -17.40 -32.75
N GLU A 154 28.65 -17.51 -33.22
CA GLU A 154 29.80 -17.66 -32.32
C GLU A 154 29.94 -16.44 -31.41
N GLN A 155 29.87 -15.26 -32.01
CA GLN A 155 30.02 -14.01 -31.27
C GLN A 155 28.96 -13.89 -30.18
N LEU A 156 27.73 -14.26 -30.52
CA LEU A 156 26.63 -14.22 -29.56
C LEU A 156 26.82 -15.25 -28.45
N ARG A 157 27.31 -16.43 -28.83
CA ARG A 157 27.56 -17.49 -27.85
C ARG A 157 28.57 -17.00 -26.82
N THR A 158 29.62 -16.34 -27.29
CA THR A 158 30.64 -15.79 -26.41
C THR A 158 30.03 -14.78 -25.45
N TYR A 159 29.22 -13.86 -25.98
CA TYR A 159 28.53 -12.89 -25.14
C TYR A 159 27.63 -13.56 -24.11
N LEU A 160 26.79 -14.49 -24.56
CA LEU A 160 25.82 -15.13 -23.68
C LEU A 160 26.45 -15.98 -22.58
N GLU A 161 27.51 -16.69 -22.93
CA GLU A 161 28.18 -17.57 -21.97
C GLU A 161 29.12 -16.83 -21.02
N GLY A 162 29.50 -15.61 -21.39
CA GLY A 162 30.41 -14.83 -20.58
C GLY A 162 29.82 -13.54 -20.08
N THR A 163 30.02 -12.47 -20.85
CA THR A 163 29.58 -11.12 -20.48
C THR A 163 28.17 -11.07 -19.89
N CYS A 164 27.22 -11.67 -20.57
CA CYS A 164 25.85 -11.59 -20.18
C CYS A 164 25.62 -12.09 -18.77
N VAL A 165 26.01 -13.33 -18.49
CA VAL A 165 25.77 -13.90 -17.17
C VAL A 165 26.62 -13.23 -16.09
N GLU A 166 27.80 -12.75 -16.49
CA GLU A 166 28.67 -12.03 -15.55
C GLU A 166 27.98 -10.78 -15.03
N TRP A 167 27.45 -9.97 -15.95
CA TRP A 167 26.76 -8.75 -15.54
C TRP A 167 25.44 -9.04 -14.83
N LEU A 168 24.76 -10.10 -15.26
CA LEU A 168 23.55 -10.53 -14.58
C LEU A 168 23.86 -10.85 -13.12
N ARG A 169 24.90 -11.64 -12.88
CA ARG A 169 25.31 -11.97 -11.52
C ARG A 169 25.62 -10.71 -10.72
N ARG A 170 26.24 -9.74 -11.38
CA ARG A 170 26.57 -8.47 -10.77
C ARG A 170 25.31 -7.71 -10.34
N TYR A 171 24.36 -7.59 -11.26
CA TYR A 171 23.10 -6.91 -10.98
C TYR A 171 22.36 -7.60 -9.84
N LEU A 172 22.35 -8.93 -9.86
CA LEU A 172 21.65 -9.70 -8.84
C LEU A 172 22.22 -9.44 -7.45
N GLU A 173 23.53 -9.32 -7.36
CA GLU A 173 24.17 -9.02 -6.07
C GLU A 173 23.94 -7.57 -5.64
N ASN A 174 24.15 -6.63 -6.55
CA ASN A 174 23.96 -5.21 -6.24
C ASN A 174 22.52 -4.87 -5.86
N GLY A 175 21.56 -5.59 -6.45
CA GLY A 175 20.15 -5.33 -6.18
C GLY A 175 19.49 -6.46 -5.41
N LYS A 176 20.26 -7.21 -4.65
CA LYS A 176 19.78 -8.38 -3.99
C LYS A 176 18.63 -8.08 -3.09
N GLU A 177 18.65 -6.92 -2.50
CA GLU A 177 17.64 -6.52 -1.52
C GLU A 177 16.23 -6.49 -2.10
N THR A 178 16.12 -6.39 -3.41
CA THR A 178 14.82 -6.35 -4.07
C THR A 178 14.68 -7.47 -5.10
N LEU A 179 15.73 -7.69 -5.87
CA LEU A 179 15.72 -8.69 -6.93
C LEU A 179 15.65 -10.12 -6.41
N GLN A 180 16.32 -10.38 -5.29
CA GLN A 180 16.36 -11.73 -4.73
C GLN A 180 15.44 -11.84 -3.52
N ARG A 181 14.52 -10.89 -3.40
CA ARG A 181 13.49 -10.91 -2.39
C ARG A 181 12.15 -11.04 -3.07
N ALA A 182 11.43 -12.12 -2.76
CA ALA A 182 10.11 -12.33 -3.34
C ALA A 182 9.02 -11.72 -2.44
N ASP A 183 8.26 -10.79 -3.01
CA ASP A 183 7.17 -10.15 -2.29
C ASP A 183 5.86 -10.89 -2.53
N PRO A 184 5.36 -11.60 -1.50
CA PRO A 184 4.11 -12.34 -1.64
C PRO A 184 2.94 -11.39 -1.86
N PRO A 185 1.89 -11.87 -2.53
CA PRO A 185 0.70 -11.05 -2.76
C PRO A 185 -0.04 -10.77 -1.45
N LYS A 186 -0.58 -9.56 -1.34
CA LYS A 186 -1.58 -9.28 -0.33
C LYS A 186 -2.90 -9.70 -0.95
N THR A 187 -3.65 -10.56 -0.25
CA THR A 187 -4.82 -11.16 -0.87
C THR A 187 -6.10 -10.90 -0.09
N HIS A 188 -7.22 -10.89 -0.80
CA HIS A 188 -8.54 -10.80 -0.19
C HIS A 188 -9.63 -11.15 -1.18
N VAL A 189 -10.83 -11.37 -0.66
CA VAL A 189 -11.97 -11.69 -1.50
C VAL A 189 -13.03 -10.61 -1.33
N THR A 190 -13.58 -10.15 -2.43
CA THR A 190 -14.67 -9.18 -2.38
C THR A 190 -15.94 -9.80 -2.94
N HIS A 191 -17.08 -9.21 -2.59
CA HIS A 191 -18.37 -9.77 -2.92
C HIS A 191 -19.22 -8.69 -3.59
N HIS A 192 -19.78 -9.01 -4.76
CA HIS A 192 -20.52 -8.03 -5.53
C HIS A 192 -21.83 -8.60 -6.07
N PRO A 193 -22.93 -8.40 -5.33
CA PRO A 193 -24.25 -8.87 -5.76
C PRO A 193 -24.62 -8.37 -7.15
N ILE A 194 -25.13 -9.26 -7.98
CA ILE A 194 -25.57 -8.92 -9.33
C ILE A 194 -27.09 -8.80 -9.36
N SER A 195 -27.75 -9.61 -8.54
CA SER A 195 -29.20 -9.58 -8.40
C SER A 195 -29.58 -10.31 -7.12
N ASP A 196 -30.85 -10.68 -7.00
CA ASP A 196 -31.30 -11.43 -5.84
C ASP A 196 -30.85 -12.87 -5.92
N HIS A 197 -30.41 -13.29 -7.11
CA HIS A 197 -30.11 -14.70 -7.36
C HIS A 197 -28.61 -15.01 -7.39
N GLU A 198 -27.80 -14.06 -7.86
CA GLU A 198 -26.36 -14.31 -7.95
C GLU A 198 -25.51 -13.14 -7.45
N ALA A 199 -24.22 -13.43 -7.25
CA ALA A 199 -23.25 -12.44 -6.84
C ALA A 199 -21.87 -12.83 -7.35
N THR A 200 -21.02 -11.84 -7.55
CA THR A 200 -19.64 -12.09 -7.98
C THR A 200 -18.71 -12.19 -6.77
N LEU A 201 -17.90 -13.24 -6.74
CA LEU A 201 -16.79 -13.32 -5.81
C LEU A 201 -15.50 -13.04 -6.57
N ARG A 202 -14.74 -12.05 -6.11
CA ARG A 202 -13.50 -11.70 -6.79
C ARG A 202 -12.32 -11.89 -5.84
N CYS A 203 -11.34 -12.67 -6.27
CA CYS A 203 -10.16 -12.95 -5.46
C CYS A 203 -9.01 -12.07 -5.91
N TRP A 204 -8.44 -11.31 -4.98
CA TRP A 204 -7.40 -10.34 -5.30
C TRP A 204 -6.00 -10.78 -4.86
N ALA A 205 -5.02 -10.50 -5.72
CA ALA A 205 -3.60 -10.65 -5.39
C ALA A 205 -2.91 -9.34 -5.75
N LEU A 206 -2.42 -8.63 -4.73
CA LEU A 206 -1.88 -7.29 -4.92
C LEU A 206 -0.46 -7.13 -4.40
N GLY A 207 0.33 -6.30 -5.07
CA GLY A 207 1.65 -5.93 -4.62
C GLY A 207 2.66 -7.06 -4.60
N PHE A 208 2.54 -8.02 -5.52
CA PHE A 208 3.45 -9.15 -5.55
C PHE A 208 4.58 -9.02 -6.58
N TYR A 209 5.66 -9.74 -6.34
CA TYR A 209 6.80 -9.81 -7.25
C TYR A 209 7.56 -11.09 -6.96
N PRO A 210 7.98 -11.83 -8.02
CA PRO A 210 7.85 -11.52 -9.44
C PRO A 210 6.42 -11.69 -9.95
N ALA A 211 6.23 -11.49 -11.25
CA ALA A 211 4.90 -11.47 -11.85
C ALA A 211 4.22 -12.84 -11.90
N GLU A 212 5.01 -13.90 -11.99
CA GLU A 212 4.46 -15.26 -12.07
C GLU A 212 3.58 -15.59 -10.87
N ILE A 213 2.34 -15.98 -11.15
CA ILE A 213 1.38 -16.30 -10.10
C ILE A 213 0.27 -17.20 -10.64
N THR A 214 -0.40 -17.92 -9.74
CA THR A 214 -1.55 -18.73 -10.12
C THR A 214 -2.73 -18.43 -9.21
N LEU A 215 -3.84 -18.06 -9.81
CA LEU A 215 -5.05 -17.76 -9.09
C LEU A 215 -6.17 -18.64 -9.62
N THR A 216 -6.81 -19.38 -8.75
CA THR A 216 -7.89 -20.28 -9.16
C THR A 216 -9.02 -20.30 -8.15
N TRP A 217 -10.24 -20.43 -8.66
CA TRP A 217 -11.41 -20.65 -7.82
C TRP A 217 -11.79 -22.12 -7.85
N GLN A 218 -12.16 -22.65 -6.70
CA GLN A 218 -12.71 -24.00 -6.64
C GLN A 218 -14.08 -23.97 -5.97
N ARG A 219 -14.98 -24.82 -6.44
CA ARG A 219 -16.25 -25.05 -5.74
C ARG A 219 -16.28 -26.48 -5.25
N ASP A 220 -16.45 -26.65 -3.94
CA ASP A 220 -16.43 -27.97 -3.34
C ASP A 220 -15.15 -28.74 -3.72
N GLY A 221 -14.05 -28.01 -3.86
CA GLY A 221 -12.77 -28.62 -4.17
C GLY A 221 -12.56 -28.93 -5.64
N GLU A 222 -13.51 -28.54 -6.48
CA GLU A 222 -13.42 -28.77 -7.91
C GLU A 222 -13.10 -27.48 -8.66
N ASP A 223 -12.16 -27.56 -9.60
CA ASP A 223 -11.77 -26.41 -10.40
C ASP A 223 -12.92 -25.81 -11.19
N GLN A 224 -12.97 -24.47 -11.22
CA GLN A 224 -14.00 -23.75 -11.97
C GLN A 224 -13.37 -23.00 -13.13
N THR A 225 -12.41 -23.63 -13.79
CA THR A 225 -11.63 -22.99 -14.85
C THR A 225 -12.48 -22.27 -15.89
N GLN A 226 -13.38 -23.01 -16.53
CA GLN A 226 -14.15 -22.48 -17.64
C GLN A 226 -15.26 -21.52 -17.19
N ASP A 227 -15.36 -21.29 -15.88
CA ASP A 227 -16.36 -20.38 -15.35
C ASP A 227 -15.73 -19.17 -14.66
N THR A 228 -14.40 -19.15 -14.63
CA THR A 228 -13.66 -18.08 -13.96
C THR A 228 -13.19 -17.01 -14.94
N GLU A 229 -13.42 -15.75 -14.60
CA GLU A 229 -12.82 -14.65 -15.36
C GLU A 229 -11.47 -14.31 -14.75
N LEU A 230 -10.41 -14.50 -15.53
CA LEU A 230 -9.04 -14.25 -15.10
C LEU A 230 -8.48 -13.08 -15.89
N VAL A 231 -8.23 -11.95 -15.22
CA VAL A 231 -7.63 -10.82 -15.92
C VAL A 231 -6.13 -11.03 -16.06
N GLU A 232 -5.55 -10.40 -17.08
CA GLU A 232 -4.10 -10.47 -17.27
C GLU A 232 -3.37 -9.81 -16.10
N THR A 233 -2.28 -10.44 -15.68
CA THR A 233 -1.43 -9.85 -14.64
C THR A 233 -0.99 -8.46 -15.09
N ARG A 234 -1.12 -7.48 -14.21
CA ARG A 234 -0.90 -6.08 -14.59
C ARG A 234 0.06 -5.37 -13.63
N PRO A 235 0.76 -4.35 -14.12
CA PRO A 235 1.71 -3.61 -13.27
C PRO A 235 0.98 -2.65 -12.34
N ALA A 236 1.43 -2.56 -11.09
CA ALA A 236 0.88 -1.58 -10.16
C ALA A 236 1.48 -0.21 -10.43
N GLY A 237 2.65 -0.19 -11.04
CA GLY A 237 3.35 1.07 -11.33
C GLY A 237 4.47 1.34 -10.34
N ASP A 238 4.59 0.47 -9.34
CA ASP A 238 5.64 0.62 -8.33
C ASP A 238 6.60 -0.57 -8.36
N ARG A 239 6.67 -1.20 -9.50
CA ARG A 239 7.49 -2.37 -9.72
C ARG A 239 6.88 -3.68 -9.24
N THR A 240 5.70 -3.64 -8.63
CA THR A 240 4.98 -4.85 -8.23
C THR A 240 3.79 -5.10 -9.17
N PHE A 241 3.10 -6.22 -8.98
CA PHE A 241 2.04 -6.60 -9.92
C PHE A 241 0.71 -6.89 -9.23
N GLN A 242 -0.34 -6.98 -10.03
CA GLN A 242 -1.69 -7.22 -9.55
C GLN A 242 -2.39 -8.25 -10.44
N LYS A 243 -3.36 -8.94 -9.88
CA LYS A 243 -4.18 -9.86 -10.64
C LYS A 243 -5.42 -10.18 -9.84
N TRP A 244 -6.51 -10.51 -10.53
CA TRP A 244 -7.68 -11.06 -9.86
C TRP A 244 -8.40 -12.11 -10.69
N ALA A 245 -9.15 -12.96 -10.00
CA ALA A 245 -9.99 -13.96 -10.63
C ALA A 245 -11.39 -13.86 -10.05
N ALA A 246 -12.40 -14.02 -10.88
CA ALA A 246 -13.77 -13.82 -10.43
C ALA A 246 -14.69 -14.94 -10.93
N VAL A 247 -15.67 -15.28 -10.11
CA VAL A 247 -16.68 -16.27 -10.49
C VAL A 247 -18.06 -15.77 -10.06
N VAL A 248 -19.08 -16.11 -10.85
CA VAL A 248 -20.45 -15.78 -10.50
C VAL A 248 -21.06 -16.94 -9.73
N VAL A 249 -21.59 -16.66 -8.55
CA VAL A 249 -22.12 -17.72 -7.68
C VAL A 249 -23.57 -17.48 -7.32
N PRO A 250 -24.34 -18.56 -7.15
CA PRO A 250 -25.73 -18.45 -6.69
C PRO A 250 -25.76 -17.92 -5.27
N SER A 251 -26.65 -16.96 -5.00
CA SER A 251 -26.80 -16.44 -3.66
C SER A 251 -27.00 -17.58 -2.66
N GLY A 252 -26.25 -17.54 -1.57
CA GLY A 252 -26.34 -18.56 -0.54
C GLY A 252 -25.37 -19.71 -0.73
N GLU A 253 -24.64 -19.70 -1.85
CA GLU A 253 -23.66 -20.74 -2.12
C GLU A 253 -22.22 -20.25 -1.96
N GLU A 254 -22.05 -19.01 -1.51
CA GLU A 254 -20.73 -18.41 -1.37
C GLU A 254 -19.74 -19.31 -0.61
N GLN A 255 -20.22 -19.97 0.42
CA GLN A 255 -19.37 -20.77 1.29
C GLN A 255 -18.75 -22.00 0.63
N ARG A 256 -19.22 -22.33 -0.53
CA ARG A 256 -18.72 -23.48 -1.20
C ARG A 256 -17.52 -23.17 -2.09
N TYR A 257 -17.24 -21.89 -2.24
CA TYR A 257 -16.15 -21.45 -3.10
C TYR A 257 -14.89 -21.10 -2.32
N THR A 258 -13.76 -21.53 -2.84
CA THR A 258 -12.47 -21.21 -2.24
C THR A 258 -11.52 -20.68 -3.30
N CYS A 259 -10.76 -19.64 -2.96
CA CYS A 259 -9.76 -19.12 -3.88
C CYS A 259 -8.38 -19.63 -3.49
N HIS A 260 -7.60 -20.05 -4.47
CA HIS A 260 -6.30 -20.64 -4.22
C HIS A 260 -5.19 -19.83 -4.88
N VAL A 261 -4.16 -19.50 -4.10
CA VAL A 261 -3.09 -18.63 -4.59
C VAL A 261 -1.72 -19.29 -4.47
N GLN A 262 -1.02 -19.38 -5.58
CA GLN A 262 0.35 -19.89 -5.60
C GLN A 262 1.31 -18.81 -6.07
N HIS A 263 2.38 -18.58 -5.31
CA HIS A 263 3.39 -17.58 -5.64
C HIS A 263 4.66 -17.90 -4.89
N GLU A 264 5.81 -17.72 -5.52
CA GLU A 264 7.08 -18.13 -4.92
C GLU A 264 7.42 -17.35 -3.65
N GLY A 265 6.71 -16.26 -3.41
CA GLY A 265 6.93 -15.45 -2.24
C GLY A 265 6.18 -15.94 -1.01
N LEU A 266 5.23 -16.84 -1.23
CA LEU A 266 4.40 -17.37 -0.15
C LEU A 266 5.08 -18.52 0.58
N PRO A 267 4.97 -18.55 1.91
CA PRO A 267 5.44 -19.70 2.70
C PRO A 267 4.82 -20.99 2.17
N LYS A 268 3.53 -20.91 1.84
CA LYS A 268 2.81 -22.05 1.27
C LYS A 268 1.55 -21.54 0.57
N PRO A 269 1.00 -22.34 -0.36
CA PRO A 269 -0.19 -21.93 -1.11
C PRO A 269 -1.34 -21.50 -0.18
N LEU A 270 -1.99 -20.41 -0.54
CA LEU A 270 -3.10 -19.88 0.27
C LEU A 270 -4.45 -20.39 -0.21
N THR A 271 -5.38 -20.53 0.74
CA THR A 271 -6.77 -20.81 0.43
C THR A 271 -7.63 -19.72 1.06
N LEU A 272 -8.44 -19.06 0.28
CA LEU A 272 -9.23 -17.93 0.73
C LEU A 272 -10.72 -18.19 0.63
N ARG A 273 -11.49 -17.61 1.52
CA ARG A 273 -12.94 -17.71 1.49
C ARG A 273 -13.57 -16.34 1.73
N TRP A 274 -14.80 -16.18 1.26
CA TRP A 274 -15.58 -14.99 1.57
C TRP A 274 -16.24 -15.12 2.93
N ILE B 1 -1.60 -7.93 -40.41
CA ILE B 1 -0.85 -8.42 -39.27
C ILE B 1 -1.00 -7.46 -38.03
N GLN B 2 -2.17 -7.46 -37.41
CA GLN B 2 -2.54 -6.41 -36.47
C GLN B 2 -3.33 -6.97 -35.35
N ARG B 3 -3.04 -6.56 -34.13
CA ARG B 3 -3.74 -7.03 -32.94
C ARG B 3 -4.25 -5.85 -32.13
N THR B 4 -5.51 -5.94 -31.69
CA THR B 4 -6.16 -4.82 -30.99
C THR B 4 -5.82 -4.86 -29.50
N PRO B 5 -5.65 -3.67 -28.89
CA PRO B 5 -5.21 -3.61 -27.49
C PRO B 5 -6.24 -4.11 -26.48
N LYS B 6 -5.78 -4.85 -25.49
CA LYS B 6 -6.58 -5.10 -24.30
C LYS B 6 -6.42 -3.90 -23.38
N ILE B 7 -7.45 -3.59 -22.61
CA ILE B 7 -7.42 -2.40 -21.76
C ILE B 7 -7.86 -2.73 -20.34
N GLN B 8 -7.05 -2.30 -19.37
CA GLN B 8 -7.43 -2.37 -17.96
C GLN B 8 -7.24 -1.01 -17.30
N VAL B 9 -8.27 -0.56 -16.60
CA VAL B 9 -8.21 0.69 -15.85
C VAL B 9 -8.38 0.38 -14.38
N TYR B 10 -7.46 0.86 -13.55
CA TYR B 10 -7.41 0.48 -12.15
C TYR B 10 -6.48 1.41 -11.37
N SER B 11 -6.56 1.35 -10.05
CA SER B 11 -5.72 2.17 -9.19
C SER B 11 -4.58 1.35 -8.59
N ARG B 12 -3.45 1.99 -8.35
CA ARG B 12 -2.29 1.33 -7.79
C ARG B 12 -2.60 0.69 -6.44
N HIS B 13 -3.31 1.44 -5.60
CA HIS B 13 -3.71 0.96 -4.29
C HIS B 13 -5.22 0.90 -4.21
N PRO B 14 -5.76 0.05 -3.34
CA PRO B 14 -7.21 -0.02 -3.15
C PRO B 14 -7.79 1.38 -2.99
N ALA B 15 -8.85 1.69 -3.73
CA ALA B 15 -9.39 3.03 -3.76
C ALA B 15 -10.05 3.43 -2.45
N GLU B 16 -9.78 4.67 -2.02
CA GLU B 16 -10.42 5.22 -0.83
C GLU B 16 -10.70 6.70 -1.07
N ASN B 17 -11.98 7.07 -1.08
CA ASN B 17 -12.37 8.45 -1.31
C ASN B 17 -11.57 9.43 -0.46
N GLY B 18 -10.93 10.39 -1.12
CA GLY B 18 -10.19 11.43 -0.43
C GLY B 18 -8.75 11.07 -0.11
N LYS B 19 -8.33 9.87 -0.51
CA LYS B 19 -6.96 9.44 -0.27
C LYS B 19 -6.14 9.42 -1.56
N SER B 20 -4.99 10.07 -1.54
CA SER B 20 -4.10 10.15 -2.69
C SER B 20 -3.80 8.76 -3.22
N ASN B 21 -3.63 8.65 -4.54
CA ASN B 21 -3.47 7.36 -5.20
C ASN B 21 -2.91 7.55 -6.61
N PHE B 22 -2.86 6.47 -7.37
CA PHE B 22 -2.44 6.55 -8.77
C PHE B 22 -3.45 5.84 -9.66
N LEU B 23 -3.83 6.50 -10.75
CA LEU B 23 -4.76 5.92 -11.70
C LEU B 23 -3.99 5.35 -12.89
N ASN B 24 -4.23 4.07 -13.17
CA ASN B 24 -3.50 3.35 -14.22
C ASN B 24 -4.39 2.96 -15.39
N CYS B 25 -3.84 3.06 -16.59
CA CYS B 25 -4.43 2.43 -17.75
C CYS B 25 -3.40 1.56 -18.42
N TYR B 26 -3.59 0.25 -18.34
CA TYR B 26 -2.68 -0.72 -18.91
C TYR B 26 -3.20 -1.21 -20.25
N VAL B 27 -2.46 -0.94 -21.31
CA VAL B 27 -2.80 -1.43 -22.64
C VAL B 27 -1.78 -2.47 -23.06
N SER B 28 -2.25 -3.59 -23.59
CA SER B 28 -1.36 -4.69 -23.92
C SER B 28 -1.89 -5.55 -25.05
N GLY B 29 -1.06 -6.47 -25.52
CA GLY B 29 -1.43 -7.40 -26.57
C GLY B 29 -1.72 -6.75 -27.91
N PHE B 30 -1.16 -5.57 -28.16
CA PHE B 30 -1.43 -4.88 -29.42
C PHE B 30 -0.25 -4.86 -30.38
N HIS B 31 -0.55 -4.59 -31.65
CA HIS B 31 0.46 -4.50 -32.70
C HIS B 31 -0.22 -3.87 -33.89
N PRO B 32 0.40 -2.86 -34.52
CA PRO B 32 1.73 -2.31 -34.21
C PRO B 32 1.74 -1.45 -32.94
N SER B 33 2.88 -0.83 -32.66
CA SER B 33 3.12 -0.18 -31.36
C SER B 33 2.51 1.23 -31.22
N ASP B 34 2.31 1.92 -32.35
CA ASP B 34 1.70 3.24 -32.27
C ASP B 34 0.30 3.17 -31.66
N ILE B 35 0.06 3.97 -30.63
CA ILE B 35 -1.21 3.92 -29.92
C ILE B 35 -1.49 5.24 -29.20
N GLU B 36 -2.75 5.63 -29.13
CA GLU B 36 -3.14 6.86 -28.45
C GLU B 36 -3.89 6.55 -27.17
N VAL B 37 -3.35 6.99 -26.04
CA VAL B 37 -3.98 6.71 -24.76
C VAL B 37 -4.17 7.98 -23.93
N ASP B 38 -5.40 8.18 -23.47
CA ASP B 38 -5.72 9.33 -22.63
C ASP B 38 -6.45 8.89 -21.37
N LEU B 39 -6.10 9.51 -20.24
CA LEU B 39 -6.87 9.34 -19.03
C LEU B 39 -7.84 10.52 -18.91
N LEU B 40 -9.07 10.23 -18.52
CA LEU B 40 -10.11 11.25 -18.46
C LEU B 40 -10.69 11.40 -17.06
N LYS B 41 -11.00 12.63 -16.69
CA LYS B 41 -11.74 12.93 -15.47
C LYS B 41 -13.03 13.63 -15.85
N ASN B 42 -14.16 12.99 -15.57
CA ASN B 42 -15.46 13.53 -15.97
C ASN B 42 -15.49 13.84 -17.46
N GLY B 43 -14.88 12.98 -18.25
CA GLY B 43 -14.91 13.10 -19.70
C GLY B 43 -13.87 14.03 -20.28
N GLU B 44 -13.10 14.67 -19.42
CA GLU B 44 -12.08 15.62 -19.87
C GLU B 44 -10.67 15.05 -19.73
N ARG B 45 -9.85 15.25 -20.74
CA ARG B 45 -8.50 14.71 -20.76
C ARG B 45 -7.64 15.24 -19.63
N ILE B 46 -6.95 14.35 -18.94
CA ILE B 46 -6.04 14.73 -17.86
C ILE B 46 -4.67 15.06 -18.45
N GLU B 47 -4.13 16.21 -18.07
CA GLU B 47 -2.90 16.72 -18.68
C GLU B 47 -1.63 16.03 -18.19
N LYS B 48 -1.45 15.93 -16.91
CA LYS B 48 -0.27 15.34 -16.40
C LYS B 48 -0.37 13.83 -16.37
N VAL B 49 -0.01 13.19 -17.45
CA VAL B 49 -0.02 11.75 -17.58
C VAL B 49 1.34 11.28 -18.09
N GLU B 50 1.92 10.29 -17.42
CA GLU B 50 3.18 9.71 -17.87
C GLU B 50 2.96 8.27 -18.29
N HIS B 51 3.87 7.72 -19.09
CA HIS B 51 3.75 6.33 -19.52
C HIS B 51 5.07 5.59 -19.42
N SER B 52 5.00 4.27 -19.38
CA SER B 52 6.18 3.43 -19.29
C SER B 52 6.91 3.37 -20.63
N ASP B 53 8.12 2.82 -20.61
CA ASP B 53 8.90 2.67 -21.83
C ASP B 53 8.36 1.50 -22.64
N LEU B 54 8.32 1.66 -23.96
CA LEU B 54 7.77 0.64 -24.83
C LEU B 54 8.50 -0.69 -24.67
N SER B 55 7.74 -1.74 -24.36
CA SER B 55 8.28 -3.09 -24.32
C SER B 55 7.26 -4.06 -24.87
N PHE B 56 7.60 -5.35 -24.88
CA PHE B 56 6.71 -6.33 -25.48
C PHE B 56 6.79 -7.71 -24.82
N SER B 57 5.77 -8.51 -25.07
CA SER B 57 5.63 -9.84 -24.46
C SER B 57 6.24 -10.92 -25.34
N LYS B 58 6.15 -12.17 -24.88
CA LYS B 58 6.73 -13.29 -25.60
C LYS B 58 6.17 -13.47 -27.00
N ASP B 59 4.89 -13.14 -27.18
CA ASP B 59 4.27 -13.26 -28.50
C ASP B 59 4.51 -12.01 -29.36
N TRP B 60 5.38 -11.13 -28.89
CA TRP B 60 5.80 -9.93 -29.61
C TRP B 60 4.81 -8.76 -29.50
N SER B 61 3.67 -8.98 -28.86
CA SER B 61 2.69 -7.91 -28.69
C SER B 61 3.18 -6.88 -27.66
N PHE B 62 2.85 -5.62 -27.89
CA PHE B 62 3.35 -4.53 -27.05
C PHE B 62 2.50 -4.29 -25.83
N TYR B 63 3.08 -3.66 -24.81
CA TYR B 63 2.32 -3.22 -23.66
C TYR B 63 2.89 -1.92 -23.12
N LEU B 64 2.00 -1.07 -22.62
CA LEU B 64 2.37 0.19 -22.02
C LEU B 64 1.49 0.48 -20.82
N LEU B 65 2.05 1.13 -19.81
CA LEU B 65 1.27 1.62 -18.69
C LEU B 65 1.23 3.15 -18.71
N TYR B 66 0.02 3.70 -18.74
CA TYR B 66 -0.19 5.13 -18.58
C TYR B 66 -0.72 5.40 -17.19
N TYR B 67 -0.19 6.41 -16.51
CA TYR B 67 -0.53 6.63 -15.12
C TYR B 67 -0.49 8.09 -14.72
N THR B 68 -1.24 8.42 -13.67
CA THR B 68 -1.26 9.77 -13.14
C THR B 68 -1.69 9.75 -11.69
N GLU B 69 -1.21 10.71 -10.92
CA GLU B 69 -1.61 10.84 -9.52
C GLU B 69 -3.04 11.37 -9.45
N PHE B 70 -3.85 10.78 -8.57
CA PHE B 70 -5.23 11.23 -8.41
C PHE B 70 -5.78 10.93 -7.03
N THR B 71 -6.81 11.67 -6.64
CA THR B 71 -7.48 11.45 -5.37
C THR B 71 -8.96 11.21 -5.63
N PRO B 72 -9.36 9.92 -5.66
CA PRO B 72 -10.72 9.53 -6.01
C PRO B 72 -11.75 10.09 -5.04
N THR B 73 -12.93 10.42 -5.56
CA THR B 73 -14.04 10.86 -4.73
C THR B 73 -15.25 9.99 -5.04
N GLU B 74 -16.37 10.32 -4.43
CA GLU B 74 -17.60 9.54 -4.63
C GLU B 74 -18.20 9.76 -6.02
N LYS B 75 -18.25 11.01 -6.46
CA LYS B 75 -18.95 11.34 -7.70
C LYS B 75 -18.04 11.47 -8.93
N ASP B 76 -16.77 11.78 -8.72
CA ASP B 76 -15.84 11.95 -9.84
C ASP B 76 -15.67 10.67 -10.63
N GLU B 77 -15.79 10.79 -11.95
CA GLU B 77 -15.71 9.63 -12.84
C GLU B 77 -14.42 9.65 -13.65
N TYR B 78 -13.74 8.51 -13.69
CA TYR B 78 -12.49 8.39 -14.43
C TYR B 78 -12.60 7.32 -15.51
N ALA B 79 -11.83 7.48 -16.58
CA ALA B 79 -11.86 6.53 -17.68
C ALA B 79 -10.56 6.56 -18.45
N CYS B 80 -10.38 5.58 -19.32
CA CYS B 80 -9.24 5.55 -20.23
C CYS B 80 -9.77 5.53 -21.66
N ARG B 81 -9.19 6.36 -22.51
CA ARG B 81 -9.62 6.44 -23.91
C ARG B 81 -8.48 6.00 -24.81
N VAL B 82 -8.74 4.98 -25.62
CA VAL B 82 -7.70 4.37 -26.43
C VAL B 82 -8.04 4.36 -27.91
N ASN B 83 -7.08 4.75 -28.75
CA ASN B 83 -7.23 4.63 -30.18
C ASN B 83 -6.05 3.90 -30.80
N HIS B 84 -6.33 3.06 -31.79
CA HIS B 84 -5.32 2.21 -32.41
C HIS B 84 -5.76 1.95 -33.83
N VAL B 85 -4.83 1.58 -34.70
CA VAL B 85 -5.20 1.34 -36.10
C VAL B 85 -6.32 0.31 -36.22
N THR B 86 -6.40 -0.60 -35.25
CA THR B 86 -7.38 -1.68 -35.29
C THR B 86 -8.76 -1.24 -34.85
N LEU B 87 -8.87 -0.02 -34.34
CA LEU B 87 -10.13 0.49 -33.83
C LEU B 87 -10.75 1.52 -34.77
N SER B 88 -12.02 1.36 -35.09
CA SER B 88 -12.71 2.28 -35.98
C SER B 88 -12.96 3.62 -35.30
N GLN B 89 -12.89 3.62 -33.97
CA GLN B 89 -13.08 4.82 -33.17
C GLN B 89 -12.48 4.60 -31.79
N PRO B 90 -12.14 5.69 -31.09
CA PRO B 90 -11.55 5.58 -29.76
C PRO B 90 -12.42 4.73 -28.83
N LYS B 91 -11.79 3.82 -28.10
CA LYS B 91 -12.51 2.98 -27.15
C LYS B 91 -12.38 3.58 -25.75
N ILE B 92 -13.50 3.72 -25.05
CA ILE B 92 -13.51 4.28 -23.71
C ILE B 92 -13.88 3.24 -22.65
N VAL B 93 -13.00 3.09 -21.67
CA VAL B 93 -13.22 2.15 -20.58
C VAL B 93 -13.27 2.88 -19.24
N LYS B 94 -14.35 2.73 -18.54
CA LYS B 94 -14.55 3.42 -17.31
C LYS B 94 -13.86 2.78 -16.09
N TRP B 95 -13.31 3.59 -15.21
CA TRP B 95 -12.68 3.05 -14.02
C TRP B 95 -13.73 2.57 -13.02
N ASP B 96 -13.63 1.30 -12.66
CA ASP B 96 -14.46 0.71 -11.63
C ASP B 96 -13.55 0.25 -10.50
N ARG B 97 -13.71 0.84 -9.32
CA ARG B 97 -12.80 0.56 -8.22
C ARG B 97 -12.90 -0.88 -7.72
N ASP B 98 -13.87 -1.62 -8.23
CA ASP B 98 -14.05 -3.02 -7.84
C ASP B 98 -13.38 -3.97 -8.83
N MET B 99 -12.69 -3.40 -9.79
CA MET B 99 -12.05 -4.14 -10.81
C MET B 99 -10.59 -3.66 -10.99
N HIS C 1 24.47 -4.39 -22.98
CA HIS C 1 24.16 -4.67 -24.37
C HIS C 1 25.28 -5.47 -25.01
N VAL C 2 24.93 -6.30 -26.00
CA VAL C 2 25.94 -7.05 -26.75
C VAL C 2 26.53 -6.13 -27.81
N ALA C 3 27.86 -6.12 -27.91
CA ALA C 3 28.54 -5.25 -28.86
C ALA C 3 28.85 -5.99 -30.16
N VAL C 4 27.83 -6.65 -30.72
CA VAL C 4 27.98 -7.37 -31.97
C VAL C 4 27.06 -6.75 -33.01
N GLU C 5 27.56 -6.34 -34.15
CA GLU C 5 26.83 -5.50 -35.07
C GLU C 5 26.65 -6.15 -36.40
N ASN C 6 25.44 -6.54 -36.68
CA ASN C 6 25.07 -7.20 -37.93
C ASN C 6 23.65 -6.89 -38.40
N ALA C 7 23.54 -6.17 -39.51
CA ALA C 7 22.24 -5.87 -40.09
C ALA C 7 21.59 -7.14 -40.62
N LEU C 8 20.26 -7.20 -40.54
CA LEU C 8 19.52 -8.32 -41.13
C LEU C 8 19.63 -8.27 -42.65
N GLY D 1 -12.72 24.43 27.71
CA GLY D 1 -13.74 24.64 26.70
C GLY D 1 -14.72 23.50 26.62
N SER D 2 -14.86 22.92 25.43
CA SER D 2 -15.79 21.82 25.22
C SER D 2 -15.17 20.51 25.69
N HIS D 3 -16.02 19.52 25.97
CA HIS D 3 -15.54 18.22 26.45
C HIS D 3 -16.33 17.10 25.81
N SER D 4 -15.83 15.87 25.93
CA SER D 4 -16.52 14.72 25.39
C SER D 4 -16.29 13.48 26.23
N MET D 5 -17.24 12.56 26.17
CA MET D 5 -17.05 11.21 26.71
C MET D 5 -17.29 10.21 25.61
N ARG D 6 -16.43 9.21 25.52
CA ARG D 6 -16.55 8.18 24.50
C ARG D 6 -16.33 6.79 25.08
N TYR D 7 -17.13 5.85 24.63
CA TYR D 7 -16.83 4.43 24.82
C TYR D 7 -16.50 3.84 23.46
N PHE D 8 -15.41 3.09 23.39
CA PHE D 8 -15.02 2.40 22.18
C PHE D 8 -15.06 0.90 22.42
N TYR D 9 -15.90 0.19 21.66
CA TYR D 9 -15.99 -1.27 21.77
C TYR D 9 -15.35 -1.92 20.55
N THR D 10 -14.58 -2.99 20.78
CA THR D 10 -14.03 -3.77 19.68
C THR D 10 -14.21 -5.26 19.93
N SER D 11 -14.87 -5.94 19.00
CA SER D 11 -14.96 -7.40 19.03
C SER D 11 -14.30 -7.97 17.79
N VAL D 12 -13.47 -8.99 17.99
CA VAL D 12 -12.72 -9.60 16.89
C VAL D 12 -12.82 -11.12 16.96
N SER D 13 -13.36 -11.72 15.91
CA SER D 13 -13.47 -13.17 15.85
C SER D 13 -12.12 -13.79 15.49
N ARG D 14 -11.91 -15.02 15.94
CA ARG D 14 -10.65 -15.72 15.72
C ARG D 14 -10.90 -17.22 15.53
N PRO D 15 -11.53 -17.58 14.42
CA PRO D 15 -11.89 -18.97 14.09
C PRO D 15 -10.73 -19.92 14.33
N GLY D 16 -10.95 -20.98 15.11
CA GLY D 16 -9.90 -21.93 15.40
C GLY D 16 -9.09 -21.57 16.63
N ARG D 17 -9.37 -20.43 17.24
CA ARG D 17 -8.66 -19.95 18.39
C ARG D 17 -9.62 -19.48 19.50
N GLY D 18 -10.82 -20.06 19.54
CA GLY D 18 -11.78 -19.73 20.56
C GLY D 18 -12.85 -18.75 20.12
N GLU D 19 -13.59 -18.22 21.09
CA GLU D 19 -14.68 -17.28 20.83
C GLU D 19 -14.14 -15.88 20.61
N PRO D 20 -14.95 -15.00 20.02
CA PRO D 20 -14.51 -13.62 19.77
C PRO D 20 -14.18 -12.86 21.06
N ARG D 21 -13.11 -12.09 21.02
CA ARG D 21 -12.68 -11.30 22.16
C ARG D 21 -13.34 -9.92 22.11
N PHE D 22 -13.80 -9.46 23.27
CA PHE D 22 -14.44 -8.14 23.38
C PHE D 22 -13.59 -7.23 24.27
N ILE D 23 -13.29 -6.05 23.78
CA ILE D 23 -12.55 -5.05 24.54
C ILE D 23 -13.30 -3.73 24.55
N SER D 24 -13.45 -3.13 25.72
CA SER D 24 -14.09 -1.84 25.86
C SER D 24 -13.16 -0.87 26.54
N VAL D 25 -13.12 0.36 26.04
CA VAL D 25 -12.37 1.42 26.70
C VAL D 25 -13.22 2.68 26.78
N GLY D 26 -13.04 3.43 27.86
CA GLY D 26 -13.76 4.68 28.04
C GLY D 26 -12.79 5.85 28.13
N TYR D 27 -13.15 6.96 27.49
CA TYR D 27 -12.34 8.16 27.50
C TYR D 27 -13.16 9.39 27.89
N VAL D 28 -12.56 10.25 28.71
CA VAL D 28 -13.04 11.62 28.81
C VAL D 28 -12.02 12.56 28.18
N ASP D 29 -12.37 13.13 27.04
CA ASP D 29 -11.43 13.92 26.25
C ASP D 29 -10.31 12.93 25.94
N ASP D 30 -9.05 13.36 26.02
CA ASP D 30 -7.93 12.48 25.73
C ASP D 30 -7.44 11.55 26.84
N THR D 31 -8.24 11.39 27.89
CA THR D 31 -7.84 10.59 29.04
C THR D 31 -8.67 9.31 29.18
N GLN D 32 -8.03 8.15 29.05
CA GLN D 32 -8.73 6.89 29.23
C GLN D 32 -9.02 6.69 30.71
N PHE D 33 -10.25 6.31 31.05
CA PHE D 33 -10.59 6.16 32.47
C PHE D 33 -11.06 4.75 32.87
N VAL D 34 -11.48 3.94 31.92
CA VAL D 34 -11.86 2.55 32.21
C VAL D 34 -11.47 1.61 31.07
N ARG D 35 -11.43 0.31 31.39
CA ARG D 35 -11.20 -0.71 30.38
C ARG D 35 -11.82 -2.03 30.82
N PHE D 36 -12.28 -2.80 29.83
CA PHE D 36 -12.78 -4.14 30.06
C PHE D 36 -12.21 -5.05 28.98
N ASP D 37 -11.79 -6.24 29.36
CA ASP D 37 -11.25 -7.20 28.39
C ASP D 37 -11.82 -8.59 28.68
N SER D 38 -12.55 -9.14 27.72
CA SER D 38 -13.19 -10.44 27.91
C SER D 38 -12.17 -11.55 28.07
N ASP D 39 -10.93 -11.31 27.64
CA ASP D 39 -9.88 -12.31 27.72
C ASP D 39 -9.20 -12.37 29.10
N ALA D 40 -9.51 -11.40 29.95
CA ALA D 40 -8.91 -11.35 31.28
C ALA D 40 -9.33 -12.57 32.11
N ALA D 41 -8.46 -12.98 33.02
CA ALA D 41 -8.74 -14.12 33.89
C ALA D 41 -10.07 -13.94 34.62
N SER D 42 -10.26 -12.78 35.22
CA SER D 42 -11.53 -12.44 35.84
C SER D 42 -12.03 -11.11 35.27
N PRO D 43 -12.66 -11.18 34.09
CA PRO D 43 -13.08 -9.97 33.37
C PRO D 43 -13.88 -9.02 34.25
N ARG D 44 -13.35 -7.80 34.43
CA ARG D 44 -14.02 -6.76 35.18
C ARG D 44 -13.77 -5.41 34.55
N GLU D 45 -14.72 -4.50 34.68
CA GLU D 45 -14.46 -3.09 34.36
C GLU D 45 -13.42 -2.60 35.36
N GLU D 46 -12.33 -2.05 34.85
CA GLU D 46 -11.22 -1.62 35.70
C GLU D 46 -10.85 -0.15 35.53
N PRO D 47 -10.45 0.51 36.62
CA PRO D 47 -10.04 1.92 36.62
C PRO D 47 -8.74 2.12 35.84
N ARG D 48 -8.66 3.19 35.08
CA ARG D 48 -7.44 3.56 34.38
C ARG D 48 -7.05 5.00 34.54
N ALA D 49 -7.86 5.72 35.27
CA ALA D 49 -7.52 7.07 35.67
C ALA D 49 -7.75 7.23 37.17
N PRO D 50 -6.93 8.05 37.83
CA PRO D 50 -6.98 8.22 39.29
C PRO D 50 -8.34 8.70 39.79
N TRP D 51 -8.96 9.64 39.07
CA TRP D 51 -10.20 10.25 39.53
C TRP D 51 -11.44 9.36 39.43
N ILE D 52 -11.30 8.20 38.79
CA ILE D 52 -12.42 7.26 38.69
C ILE D 52 -12.38 6.26 39.85
N GLU D 53 -11.24 6.17 40.51
CA GLU D 53 -11.06 5.19 41.59
C GLU D 53 -12.04 5.40 42.73
N GLN D 54 -12.60 6.61 42.83
CA GLN D 54 -13.50 6.93 43.93
C GLN D 54 -14.92 6.41 43.74
N GLU D 55 -15.21 5.85 42.57
CA GLU D 55 -16.54 5.29 42.34
C GLU D 55 -16.73 4.03 43.19
N GLY D 56 -17.95 3.85 43.71
CA GLY D 56 -18.22 2.77 44.63
C GLY D 56 -18.41 1.40 44.00
N PRO D 57 -18.53 0.36 44.82
CA PRO D 57 -18.67 -1.03 44.36
C PRO D 57 -19.80 -1.23 43.37
N GLU D 58 -20.91 -0.51 43.54
CA GLU D 58 -22.06 -0.67 42.64
C GLU D 58 -21.72 -0.21 41.22
N TYR D 59 -20.97 0.87 41.12
CA TYR D 59 -20.52 1.37 39.83
C TYR D 59 -19.77 0.27 39.08
N TRP D 60 -18.80 -0.32 39.76
CA TRP D 60 -17.96 -1.36 39.14
C TRP D 60 -18.73 -2.64 38.85
N ASP D 61 -19.62 -3.03 39.76
CA ASP D 61 -20.48 -4.19 39.54
C ASP D 61 -21.42 -3.98 38.35
N ARG D 62 -22.07 -2.83 38.31
CA ARG D 62 -23.01 -2.53 37.24
C ARG D 62 -22.33 -2.52 35.88
N ASN D 63 -21.21 -1.82 35.79
CA ASN D 63 -20.51 -1.70 34.51
C ASN D 63 -19.85 -3.01 34.08
N THR D 64 -19.36 -3.77 35.04
CA THR D 64 -18.82 -5.10 34.75
C THR D 64 -19.90 -5.98 34.14
N GLN D 65 -21.09 -5.96 34.73
CA GLN D 65 -22.22 -6.76 34.23
C GLN D 65 -22.63 -6.35 32.82
N ILE D 66 -22.64 -5.05 32.55
CA ILE D 66 -22.99 -4.55 31.22
C ILE D 66 -21.97 -5.02 30.19
N CYS D 67 -20.69 -4.95 30.54
CA CYS D 67 -19.63 -5.38 29.63
C CYS D 67 -19.68 -6.87 29.35
N LYS D 68 -19.97 -7.66 30.37
CA LYS D 68 -20.10 -9.11 30.19
C LYS D 68 -21.28 -9.42 29.26
N THR D 69 -22.37 -8.69 29.43
CA THR D 69 -23.53 -8.85 28.55
C THR D 69 -23.19 -8.45 27.12
N ASN D 70 -22.44 -7.35 26.97
CA ASN D 70 -22.02 -6.86 25.67
C ASN D 70 -21.10 -7.87 24.96
N THR D 71 -20.26 -8.54 25.73
CA THR D 71 -19.41 -9.58 25.19
C THR D 71 -20.25 -10.59 24.43
N GLN D 72 -21.32 -11.07 25.06
CA GLN D 72 -22.19 -12.07 24.47
C GLN D 72 -23.00 -11.53 23.30
N THR D 73 -23.50 -10.30 23.42
CA THR D 73 -24.28 -9.71 22.36
C THR D 73 -23.45 -9.46 21.11
N ASP D 74 -22.19 -9.07 21.29
CA ASP D 74 -21.29 -8.88 20.16
C ASP D 74 -21.00 -10.18 19.42
N ARG D 75 -20.87 -11.28 20.17
CA ARG D 75 -20.69 -12.59 19.56
C ARG D 75 -21.94 -12.94 18.75
N GLU D 76 -23.10 -12.61 19.30
CA GLU D 76 -24.36 -12.78 18.58
C GLU D 76 -24.38 -11.91 17.32
N SER D 77 -23.95 -10.66 17.44
CA SER D 77 -23.92 -9.75 16.30
C SER D 77 -22.97 -10.24 15.21
N LEU D 78 -21.80 -10.74 15.61
CA LEU D 78 -20.84 -11.25 14.65
C LEU D 78 -21.43 -12.43 13.86
N ARG D 79 -22.15 -13.31 14.54
CA ARG D 79 -22.82 -14.42 13.86
C ARG D 79 -23.87 -13.92 12.88
N ASN D 80 -24.69 -12.98 13.32
CA ASN D 80 -25.72 -12.40 12.48
C ASN D 80 -25.14 -11.75 11.22
N LEU D 81 -24.05 -11.00 11.40
CA LEU D 81 -23.40 -10.32 10.28
C LEU D 81 -22.89 -11.29 9.22
N ARG D 82 -22.25 -12.38 9.62
CA ARG D 82 -21.83 -13.41 8.69
C ARG D 82 -23.04 -13.92 7.94
N GLY D 83 -24.15 -14.04 8.62
CA GLY D 83 -25.38 -14.47 8.00
C GLY D 83 -25.85 -13.51 6.92
N TYR D 84 -25.91 -12.22 7.24
CA TYR D 84 -26.34 -11.22 6.29
C TYR D 84 -25.51 -11.28 5.00
N TYR D 85 -24.20 -11.44 5.13
CA TYR D 85 -23.30 -11.39 3.99
C TYR D 85 -23.00 -12.77 3.41
N ASN D 86 -23.48 -13.81 4.10
CA ASN D 86 -23.17 -15.17 3.69
C ASN D 86 -21.68 -15.48 3.73
N GLN D 87 -21.00 -14.94 4.74
CA GLN D 87 -19.57 -15.17 4.89
C GLN D 87 -19.26 -16.43 5.67
N SER D 88 -18.14 -17.08 5.34
CA SER D 88 -17.73 -18.33 5.98
C SER D 88 -17.30 -18.12 7.42
N GLU D 89 -17.46 -19.16 8.24
CA GLU D 89 -17.03 -19.13 9.63
C GLU D 89 -15.52 -19.18 9.73
N ALA D 90 -14.86 -19.50 8.61
CA ALA D 90 -13.41 -19.65 8.59
C ALA D 90 -12.68 -18.31 8.62
N GLY D 91 -13.41 -17.23 8.34
CA GLY D 91 -12.79 -15.92 8.25
C GLY D 91 -12.92 -15.08 9.51
N SER D 92 -11.88 -14.30 9.80
CA SER D 92 -11.89 -13.41 10.95
C SER D 92 -12.60 -12.10 10.62
N HIS D 93 -13.39 -11.58 11.55
CA HIS D 93 -14.10 -10.33 11.32
C HIS D 93 -14.08 -9.43 12.54
N THR D 94 -14.24 -8.12 12.30
CA THR D 94 -14.15 -7.13 13.35
C THR D 94 -15.43 -6.30 13.43
N LEU D 95 -15.91 -6.10 14.65
CA LEU D 95 -17.04 -5.21 14.89
C LEU D 95 -16.62 -4.13 15.87
N GLN D 96 -16.72 -2.87 15.44
CA GLN D 96 -16.37 -1.75 16.30
C GLN D 96 -17.58 -0.87 16.57
N ARG D 97 -17.62 -0.28 17.75
CA ARG D 97 -18.66 0.67 18.11
C ARG D 97 -18.05 1.85 18.86
N MET D 98 -18.51 3.04 18.53
CA MET D 98 -18.18 4.23 19.32
C MET D 98 -19.48 4.96 19.65
N TYR D 99 -19.59 5.45 20.88
CA TYR D 99 -20.73 6.25 21.28
C TYR D 99 -20.36 7.19 22.41
N GLY D 100 -21.17 8.22 22.62
CA GLY D 100 -20.88 9.18 23.65
C GLY D 100 -21.43 10.55 23.34
N CYS D 101 -21.06 11.52 24.16
CA CYS D 101 -21.65 12.85 24.08
C CYS D 101 -20.59 13.94 24.06
N ASP D 102 -20.91 15.03 23.37
CA ASP D 102 -20.08 16.23 23.38
C ASP D 102 -20.81 17.30 24.18
N VAL D 103 -20.09 18.04 25.00
CA VAL D 103 -20.70 19.15 25.74
C VAL D 103 -19.89 20.42 25.58
N GLY D 104 -20.57 21.56 25.71
CA GLY D 104 -19.91 22.85 25.61
C GLY D 104 -19.30 23.24 26.95
N PRO D 105 -18.71 24.44 27.00
CA PRO D 105 -18.05 24.96 28.21
C PRO D 105 -18.95 24.91 29.44
N ASP D 106 -20.25 25.09 29.23
CA ASP D 106 -21.22 25.11 30.32
C ASP D 106 -21.72 23.72 30.69
N GLY D 107 -21.39 22.72 29.86
CA GLY D 107 -21.79 21.35 30.13
C GLY D 107 -23.11 20.98 29.46
N ARG D 108 -23.52 21.80 28.49
CA ARG D 108 -24.76 21.53 27.76
C ARG D 108 -24.48 20.59 26.59
N LEU D 109 -25.41 19.68 26.34
CA LEU D 109 -25.24 18.71 25.25
C LEU D 109 -25.13 19.38 23.89
N LEU D 110 -23.98 19.21 23.24
CA LEU D 110 -23.76 19.74 21.91
C LEU D 110 -24.09 18.72 20.83
N ARG D 111 -23.70 17.48 21.05
CA ARG D 111 -23.90 16.44 20.08
C ARG D 111 -23.79 15.05 20.70
N GLY D 112 -24.58 14.10 20.21
CA GLY D 112 -24.50 12.73 20.65
C GLY D 112 -24.07 11.82 19.52
N HIS D 113 -23.43 10.71 19.85
CA HIS D 113 -22.88 9.83 18.88
C HIS D 113 -23.19 8.35 19.20
N ASN D 114 -23.33 7.58 18.14
CA ASN D 114 -23.50 6.14 18.26
C ASN D 114 -23.41 5.51 16.88
N GLN D 115 -22.23 4.99 16.54
CA GLN D 115 -22.05 4.40 15.23
C GLN D 115 -21.23 3.12 15.26
N PHE D 116 -21.42 2.29 14.24
CA PHE D 116 -20.79 0.99 14.15
C PHE D 116 -20.01 0.84 12.85
N ALA D 117 -18.94 0.06 12.91
CA ALA D 117 -18.19 -0.31 11.72
C ALA D 117 -17.98 -1.81 11.67
N TYR D 118 -18.09 -2.39 10.49
CA TYR D 118 -17.84 -3.82 10.29
C TYR D 118 -16.65 -3.99 9.35
N ASP D 119 -15.63 -4.70 9.83
CA ASP D 119 -14.39 -4.89 9.07
C ASP D 119 -13.84 -3.56 8.55
N GLY D 120 -13.84 -2.56 9.42
CA GLY D 120 -13.21 -1.28 9.13
C GLY D 120 -14.04 -0.31 8.30
N LYS D 121 -15.24 -0.73 7.91
CA LYS D 121 -16.11 0.13 7.10
C LYS D 121 -17.38 0.53 7.87
N ASP D 122 -17.81 1.78 7.68
CA ASP D 122 -19.07 2.25 8.25
C ASP D 122 -20.19 1.24 8.00
N TYR D 123 -20.91 0.87 9.05
CA TYR D 123 -22.01 -0.08 8.91
C TYR D 123 -23.36 0.58 9.17
N ILE D 124 -23.54 1.12 10.36
CA ILE D 124 -24.77 1.83 10.70
C ILE D 124 -24.47 2.90 11.74
N ALA D 125 -25.18 4.01 11.66
CA ALA D 125 -24.94 5.13 12.55
C ALA D 125 -26.21 5.87 12.91
N LEU D 126 -26.30 6.29 14.17
CA LEU D 126 -27.40 7.12 14.62
C LEU D 126 -27.15 8.55 14.14
N ASN D 127 -28.14 9.13 13.47
CA ASN D 127 -27.99 10.47 12.92
C ASN D 127 -27.94 11.54 14.02
N GLU D 128 -27.55 12.76 13.64
CA GLU D 128 -27.39 13.83 14.61
C GLU D 128 -28.70 14.14 15.32
N ASP D 129 -29.82 13.86 14.67
CA ASP D 129 -31.14 14.10 15.26
C ASP D 129 -31.44 13.11 16.39
N LEU D 130 -30.60 12.10 16.51
CA LEU D 130 -30.74 11.06 17.53
C LEU D 130 -32.11 10.36 17.47
N SER D 131 -32.66 10.25 16.26
CA SER D 131 -33.96 9.59 16.09
C SER D 131 -34.01 8.74 14.82
N SER D 132 -33.07 8.97 13.91
CA SER D 132 -33.02 8.20 12.66
C SER D 132 -31.66 7.56 12.45
N TRP D 133 -31.60 6.56 11.58
CA TRP D 133 -30.36 5.84 11.30
C TRP D 133 -29.91 6.03 9.86
N THR D 134 -28.60 5.95 9.64
CA THR D 134 -28.03 5.85 8.31
C THR D 134 -27.36 4.49 8.15
N ALA D 135 -27.88 3.68 7.24
CA ALA D 135 -27.33 2.35 7.00
C ALA D 135 -26.49 2.31 5.72
N ALA D 136 -25.31 1.68 5.81
CA ALA D 136 -24.36 1.69 4.71
C ALA D 136 -24.76 0.79 3.54
N ASP D 137 -25.46 -0.31 3.84
CA ASP D 137 -25.82 -1.26 2.79
C ASP D 137 -27.07 -2.07 3.15
N THR D 138 -27.41 -3.05 2.32
CA THR D 138 -28.61 -3.84 2.51
C THR D 138 -28.58 -4.64 3.81
N ALA D 139 -27.39 -5.10 4.20
CA ALA D 139 -27.24 -5.80 5.46
C ALA D 139 -27.58 -4.88 6.62
N ALA D 140 -27.00 -3.68 6.60
CA ALA D 140 -27.24 -2.69 7.64
C ALA D 140 -28.71 -2.30 7.73
N GLN D 141 -29.42 -2.42 6.61
CA GLN D 141 -30.84 -2.09 6.59
C GLN D 141 -31.68 -3.13 7.31
N ILE D 142 -31.17 -4.36 7.37
CA ILE D 142 -31.82 -5.39 8.17
C ILE D 142 -31.71 -5.00 9.64
N THR D 143 -30.49 -4.67 10.07
CA THR D 143 -30.25 -4.17 11.42
C THR D 143 -31.15 -2.97 11.72
N GLN D 144 -31.26 -2.06 10.76
CA GLN D 144 -32.03 -0.84 10.96
C GLN D 144 -33.49 -1.17 11.30
N ARG D 145 -34.07 -2.07 10.56
CA ARG D 145 -35.44 -2.47 10.77
C ARG D 145 -35.65 -3.08 12.14
N LYS D 146 -34.74 -3.92 12.58
CA LYS D 146 -34.81 -4.52 13.90
C LYS D 146 -34.78 -3.46 14.99
N TRP D 147 -33.88 -2.49 14.82
CA TRP D 147 -33.69 -1.45 15.83
C TRP D 147 -34.83 -0.44 15.82
N GLU D 148 -35.45 -0.23 14.66
CA GLU D 148 -36.61 0.64 14.57
C GLU D 148 -37.78 0.01 15.28
N ALA D 149 -38.01 -1.28 15.03
CA ALA D 149 -39.06 -2.02 15.71
C ALA D 149 -38.83 -2.02 17.23
N ALA D 150 -37.57 -2.16 17.64
CA ALA D 150 -37.24 -2.20 19.05
C ALA D 150 -37.07 -0.80 19.65
N ARG D 151 -37.21 0.23 18.83
CA ARG D 151 -37.13 1.62 19.27
C ARG D 151 -35.80 1.90 19.99
N VAL D 152 -34.72 1.44 19.38
CA VAL D 152 -33.38 1.63 19.96
C VAL D 152 -33.00 3.11 19.97
N ALA D 153 -33.30 3.81 18.88
CA ALA D 153 -32.95 5.22 18.75
C ALA D 153 -33.40 6.04 19.96
N GLU D 154 -34.65 5.87 20.37
CA GLU D 154 -35.19 6.61 21.51
C GLU D 154 -34.45 6.28 22.81
N GLN D 155 -34.18 4.99 23.02
CA GLN D 155 -33.46 4.56 24.21
C GLN D 155 -32.06 5.19 24.25
N LEU D 156 -31.41 5.26 23.11
CA LEU D 156 -30.09 5.87 23.03
C LEU D 156 -30.16 7.38 23.23
N ARG D 157 -31.19 8.01 22.67
CA ARG D 157 -31.38 9.45 22.84
C ARG D 157 -31.50 9.77 24.33
N THR D 158 -32.28 8.98 25.04
CA THR D 158 -32.44 9.18 26.48
C THR D 158 -31.09 9.10 27.19
N TYR D 159 -30.31 8.09 26.85
CA TYR D 159 -28.98 7.94 27.44
C TYR D 159 -28.06 9.11 27.07
N LEU D 160 -28.01 9.42 25.78
CA LEU D 160 -27.11 10.46 25.28
C LEU D 160 -27.43 11.84 25.82
N GLU D 161 -28.70 12.16 25.97
CA GLU D 161 -29.12 13.49 26.44
C GLU D 161 -29.14 13.57 27.97
N GLY D 162 -29.19 12.43 28.64
CA GLY D 162 -29.31 12.42 30.08
C GLY D 162 -28.09 11.85 30.78
N THR D 163 -28.12 10.54 31.03
CA THR D 163 -27.06 9.88 31.78
C THR D 163 -25.64 10.19 31.28
N CYS D 164 -25.47 10.20 29.96
CA CYS D 164 -24.14 10.44 29.38
C CYS D 164 -23.57 11.78 29.84
N VAL D 165 -24.33 12.85 29.62
CA VAL D 165 -23.86 14.19 29.98
C VAL D 165 -23.70 14.36 31.48
N GLU D 166 -24.58 13.73 32.25
CA GLU D 166 -24.53 13.82 33.70
C GLU D 166 -23.26 13.19 34.26
N TRP D 167 -22.91 12.01 33.76
CA TRP D 167 -21.67 11.37 34.21
C TRP D 167 -20.43 12.11 33.73
N LEU D 168 -20.48 12.63 32.51
CA LEU D 168 -19.37 13.44 32.00
C LEU D 168 -19.14 14.63 32.93
N ARG D 169 -20.21 15.34 33.27
CA ARG D 169 -20.12 16.45 34.23
C ARG D 169 -19.42 16.01 35.51
N ARG D 170 -19.84 14.86 36.02
CA ARG D 170 -19.28 14.31 37.26
C ARG D 170 -17.78 14.01 37.13
N TYR D 171 -17.40 13.35 36.04
CA TYR D 171 -16.00 13.02 35.82
C TYR D 171 -15.15 14.29 35.73
N LEU D 172 -15.63 15.28 34.98
CA LEU D 172 -14.91 16.53 34.80
C LEU D 172 -14.67 17.23 36.14
N GLU D 173 -15.68 17.21 37.00
CA GLU D 173 -15.54 17.79 38.33
C GLU D 173 -14.53 17.01 39.18
N ASN D 174 -14.73 15.70 39.27
CA ASN D 174 -13.85 14.86 40.07
C ASN D 174 -12.39 14.90 39.64
N GLY D 175 -12.16 15.05 38.34
CA GLY D 175 -10.80 15.08 37.80
C GLY D 175 -10.41 16.43 37.24
N LYS D 176 -10.97 17.49 37.80
CA LYS D 176 -10.75 18.83 37.27
C LYS D 176 -9.29 19.27 37.29
N GLU D 177 -8.52 18.75 38.25
CA GLU D 177 -7.13 19.15 38.41
C GLU D 177 -6.28 18.75 37.21
N THR D 178 -6.81 17.83 36.40
CA THR D 178 -6.08 17.34 35.23
C THR D 178 -6.90 17.48 33.96
N LEU D 179 -8.21 17.22 34.05
CA LEU D 179 -9.07 17.27 32.89
C LEU D 179 -9.38 18.70 32.47
N GLN D 180 -9.41 19.62 33.43
CA GLN D 180 -9.74 21.01 33.13
C GLN D 180 -8.55 21.94 33.37
N ARG D 181 -7.37 21.34 33.49
CA ARG D 181 -6.13 22.09 33.68
C ARG D 181 -5.11 21.66 32.65
N ALA D 182 -5.11 22.30 31.49
CA ALA D 182 -4.19 21.94 30.42
C ALA D 182 -2.74 21.97 30.89
N ASP D 183 -1.98 20.99 30.48
CA ASP D 183 -0.58 20.89 30.83
C ASP D 183 0.26 21.33 29.62
N PRO D 184 0.89 22.48 29.73
CA PRO D 184 1.60 23.05 28.57
C PRO D 184 2.83 22.22 28.21
N PRO D 185 3.23 22.25 26.94
CA PRO D 185 4.40 21.48 26.52
C PRO D 185 5.70 22.10 27.05
N LYS D 186 6.63 21.25 27.48
CA LYS D 186 8.00 21.67 27.69
C LYS D 186 8.64 21.67 26.32
N THR D 187 9.25 22.78 25.93
CA THR D 187 9.77 22.92 24.58
C THR D 187 11.25 23.26 24.53
N HIS D 188 11.90 22.84 23.45
CA HIS D 188 13.29 23.19 23.21
C HIS D 188 13.67 22.89 21.77
N VAL D 189 14.78 23.46 21.33
CA VAL D 189 15.26 23.25 19.97
C VAL D 189 16.62 22.57 20.01
N THR D 190 16.79 21.54 19.20
CA THR D 190 18.06 20.81 19.13
C THR D 190 18.67 20.91 17.74
N HIS D 191 20.00 20.86 17.70
CA HIS D 191 20.75 21.04 16.46
C HIS D 191 21.51 19.76 16.14
N HIS D 192 21.25 19.19 14.96
CA HIS D 192 21.86 17.91 14.58
C HIS D 192 22.58 18.01 13.24
N PRO D 193 23.89 18.23 13.28
CA PRO D 193 24.70 18.31 12.06
C PRO D 193 24.53 17.07 11.18
N ILE D 194 24.30 17.29 9.90
CA ILE D 194 24.21 16.21 8.94
C ILE D 194 25.56 16.08 8.24
N SER D 195 26.04 17.23 7.75
CA SER D 195 27.38 17.32 7.17
C SER D 195 27.96 18.66 7.56
N ASP D 196 29.04 19.06 6.90
CA ASP D 196 29.64 20.37 7.14
C ASP D 196 28.76 21.49 6.64
N HIS D 197 27.84 21.16 5.73
CA HIS D 197 27.12 22.18 4.96
C HIS D 197 25.69 22.41 5.43
N GLU D 198 25.16 21.49 6.24
CA GLU D 198 23.79 21.62 6.71
C GLU D 198 23.52 20.78 7.97
N ALA D 199 22.43 21.11 8.64
CA ALA D 199 22.06 20.41 9.87
C ALA D 199 20.55 20.42 10.06
N THR D 200 20.06 19.50 10.87
CA THR D 200 18.64 19.44 11.20
C THR D 200 18.36 20.21 12.48
N LEU D 201 17.37 21.09 12.41
CA LEU D 201 16.84 21.76 13.60
C LEU D 201 15.54 21.08 13.98
N ARG D 202 15.48 20.54 15.19
CA ARG D 202 14.29 19.82 15.63
C ARG D 202 13.63 20.53 16.82
N CYS D 203 12.39 20.94 16.64
CA CYS D 203 11.64 21.63 17.69
C CYS D 203 10.78 20.64 18.45
N TRP D 204 11.02 20.53 19.76
CA TRP D 204 10.36 19.54 20.60
C TRP D 204 9.23 20.11 21.45
N ALA D 205 8.16 19.34 21.57
CA ALA D 205 7.10 19.64 22.52
C ALA D 205 6.83 18.38 23.35
N LEU D 206 7.11 18.45 24.65
CA LEU D 206 7.04 17.27 25.51
C LEU D 206 6.11 17.47 26.71
N GLY D 207 5.46 16.38 27.11
CA GLY D 207 4.67 16.37 28.34
C GLY D 207 3.45 17.26 28.33
N PHE D 208 2.79 17.37 27.19
CA PHE D 208 1.62 18.24 27.09
C PHE D 208 0.30 17.50 27.09
N TYR D 209 -0.75 18.18 27.54
CA TYR D 209 -2.11 17.67 27.53
C TYR D 209 -3.04 18.87 27.49
N PRO D 210 -4.10 18.79 26.66
CA PRO D 210 -4.51 17.65 25.84
C PRO D 210 -3.62 17.46 24.59
N ALA D 211 -4.00 16.50 23.75
CA ALA D 211 -3.17 16.10 22.62
C ALA D 211 -3.10 17.15 21.51
N GLU D 212 -4.16 17.94 21.35
CA GLU D 212 -4.20 18.95 20.31
C GLU D 212 -3.06 19.94 20.46
N ILE D 213 -2.33 20.17 19.37
CA ILE D 213 -1.21 21.11 19.39
C ILE D 213 -0.85 21.52 17.97
N THR D 214 -0.32 22.74 17.84
CA THR D 214 0.17 23.20 16.55
C THR D 214 1.66 23.49 16.64
N LEU D 215 2.44 22.89 15.78
CA LEU D 215 3.88 22.96 15.82
C LEU D 215 4.40 23.17 14.38
N THR D 216 4.93 24.35 14.14
CA THR D 216 5.35 24.73 12.80
C THR D 216 6.71 25.44 12.80
N TRP D 217 7.42 25.32 11.68
CA TRP D 217 8.65 26.09 11.46
C TRP D 217 8.38 27.21 10.47
N GLN D 218 9.08 28.32 10.65
CA GLN D 218 9.03 29.42 9.69
C GLN D 218 10.45 29.83 9.30
N ARG D 219 10.61 30.22 8.04
CA ARG D 219 11.87 30.79 7.58
C ARG D 219 11.63 32.23 7.15
N ASP D 220 12.18 33.17 7.90
CA ASP D 220 11.95 34.59 7.66
C ASP D 220 10.46 34.94 7.69
N GLY D 221 9.76 34.37 8.66
CA GLY D 221 8.34 34.67 8.85
C GLY D 221 7.43 33.93 7.90
N GLU D 222 8.00 33.12 7.03
CA GLU D 222 7.21 32.38 6.05
C GLU D 222 7.11 30.90 6.42
N ASP D 223 5.88 30.38 6.46
CA ASP D 223 5.66 28.98 6.77
C ASP D 223 6.45 28.08 5.82
N GLN D 224 6.93 26.96 6.34
CA GLN D 224 7.74 26.03 5.56
C GLN D 224 7.11 24.65 5.54
N THR D 225 5.78 24.62 5.49
CA THR D 225 5.03 23.37 5.57
C THR D 225 5.59 22.25 4.71
N GLN D 226 5.98 22.57 3.48
CA GLN D 226 6.44 21.55 2.54
C GLN D 226 7.82 20.98 2.89
N ASP D 227 8.60 21.73 3.65
CA ASP D 227 9.97 21.37 4.00
C ASP D 227 10.21 20.98 5.47
N THR D 228 9.16 20.83 6.26
CA THR D 228 9.32 20.34 7.63
C THR D 228 8.83 18.91 7.77
N GLU D 229 9.52 18.15 8.60
CA GLU D 229 9.07 16.80 8.95
C GLU D 229 8.31 16.87 10.26
N LEU D 230 7.02 16.60 10.20
CA LEU D 230 6.15 16.66 11.36
C LEU D 230 5.78 15.24 11.77
N VAL D 231 6.31 14.75 12.89
CA VAL D 231 5.88 13.43 13.36
C VAL D 231 4.50 13.54 13.99
N GLU D 232 3.72 12.45 13.91
CA GLU D 232 2.38 12.45 14.45
C GLU D 232 2.42 12.44 15.96
N THR D 233 1.48 13.12 16.58
CA THR D 233 1.45 13.20 18.04
C THR D 233 1.40 11.81 18.67
N ARG D 234 2.24 11.59 19.68
CA ARG D 234 2.40 10.27 20.26
C ARG D 234 2.30 10.33 21.79
N PRO D 235 1.78 9.25 22.40
CA PRO D 235 1.63 9.19 23.86
C PRO D 235 2.97 8.94 24.55
N ALA D 236 3.22 9.65 25.65
CA ALA D 236 4.44 9.46 26.42
C ALA D 236 4.33 8.20 27.29
N GLY D 237 3.11 7.80 27.60
CA GLY D 237 2.88 6.64 28.43
C GLY D 237 2.45 7.02 29.85
N ASP D 238 2.43 8.32 30.11
CA ASP D 238 2.06 8.83 31.44
C ASP D 238 0.87 9.77 31.35
N ARG D 239 0.06 9.57 30.30
CA ARG D 239 -1.14 10.40 30.05
C ARG D 239 -0.85 11.74 29.38
N THR D 240 0.42 12.01 29.11
CA THR D 240 0.77 13.22 28.35
C THR D 240 1.26 12.84 26.96
N PHE D 241 1.52 13.84 26.13
CA PHE D 241 1.87 13.59 24.73
C PHE D 241 3.17 14.26 24.30
N GLN D 242 3.68 13.81 23.16
CA GLN D 242 4.94 14.30 22.60
C GLN D 242 4.77 14.58 21.12
N LYS D 243 5.56 15.51 20.60
CA LYS D 243 5.58 15.79 19.17
C LYS D 243 6.84 16.57 18.84
N TRP D 244 7.35 16.42 17.63
CA TRP D 244 8.42 17.30 17.15
C TRP D 244 8.31 17.61 15.67
N ALA D 245 8.89 18.75 15.29
CA ALA D 245 8.95 19.17 13.90
C ALA D 245 10.40 19.48 13.55
N ALA D 246 10.83 19.08 12.37
CA ALA D 246 12.23 19.27 11.98
C ALA D 246 12.38 19.83 10.57
N VAL D 247 13.39 20.69 10.39
CA VAL D 247 13.72 21.22 9.08
C VAL D 247 15.21 21.14 8.85
N VAL D 248 15.61 21.00 7.58
CA VAL D 248 17.03 20.97 7.23
C VAL D 248 17.50 22.38 6.89
N VAL D 249 18.52 22.84 7.61
CA VAL D 249 18.98 24.20 7.54
C VAL D 249 20.43 24.32 7.04
N PRO D 250 20.69 25.12 6.00
CA PRO D 250 22.06 25.36 5.52
C PRO D 250 22.90 26.02 6.60
N SER D 251 24.16 25.60 6.72
CA SER D 251 25.05 26.14 7.73
C SER D 251 25.09 27.66 7.72
N GLY D 252 24.87 28.27 8.88
CA GLY D 252 25.03 29.70 9.02
C GLY D 252 23.74 30.51 9.04
N GLU D 253 22.65 29.91 8.60
CA GLU D 253 21.37 30.62 8.55
C GLU D 253 20.30 30.02 9.46
N GLU D 254 20.70 29.47 10.58
CA GLU D 254 19.76 28.99 11.55
C GLU D 254 19.04 30.17 12.16
N GLN D 255 19.62 31.30 12.00
CA GLN D 255 19.07 32.51 12.60
C GLN D 255 17.74 32.94 11.97
N ARG D 256 17.50 32.52 10.76
CA ARG D 256 16.29 32.88 10.06
C ARG D 256 15.12 31.95 10.31
N TYR D 257 15.37 30.90 11.04
CA TYR D 257 14.34 29.91 11.33
C TYR D 257 13.75 30.09 12.73
N THR D 258 12.43 30.06 12.82
CA THR D 258 11.75 30.12 14.10
C THR D 258 10.73 28.99 14.23
N CYS D 259 10.60 28.44 15.44
CA CYS D 259 9.61 27.42 15.71
C CYS D 259 8.42 28.03 16.45
N HIS D 260 7.22 27.68 16.02
CA HIS D 260 6.02 28.25 16.61
C HIS D 260 5.15 27.17 17.22
N VAL D 261 4.69 27.42 18.44
CA VAL D 261 3.93 26.43 19.19
C VAL D 261 2.61 26.99 19.70
N GLN D 262 1.51 26.33 19.35
CA GLN D 262 0.20 26.67 19.88
C GLN D 262 -0.36 25.50 20.70
N HIS D 263 -0.77 25.79 21.92
CA HIS D 263 -1.38 24.79 22.80
C HIS D 263 -2.29 25.50 23.80
N GLU D 264 -3.39 24.85 24.18
CA GLU D 264 -4.35 25.50 25.07
C GLU D 264 -3.76 25.74 26.46
N GLY D 265 -2.67 25.05 26.77
CA GLY D 265 -1.99 25.22 28.03
C GLY D 265 -1.10 26.46 28.03
N LEU D 266 -0.86 27.01 26.85
CA LEU D 266 -0.04 28.21 26.71
C LEU D 266 -0.90 29.47 26.65
N PRO D 267 -0.64 30.43 27.55
CA PRO D 267 -1.35 31.71 27.56
C PRO D 267 -1.25 32.43 26.22
N LYS D 268 -0.04 32.45 25.66
CA LYS D 268 0.18 33.06 24.35
C LYS D 268 1.06 32.15 23.49
N PRO D 269 0.83 32.18 22.17
CA PRO D 269 1.64 31.37 21.24
C PRO D 269 3.13 31.53 21.48
N LEU D 270 3.88 30.48 21.18
CA LEU D 270 5.31 30.44 21.47
C LEU D 270 6.15 30.61 20.21
N THR D 271 7.28 31.30 20.34
CA THR D 271 8.22 31.42 19.23
C THR D 271 9.63 31.07 19.71
N LEU D 272 10.12 29.92 19.26
CA LEU D 272 11.41 29.42 19.70
C LEU D 272 12.44 29.52 18.59
N ARG D 273 13.71 29.54 18.97
CA ARG D 273 14.78 29.54 18.01
C ARG D 273 16.01 28.84 18.58
N TRP D 274 16.90 28.42 17.69
CA TRP D 274 18.13 27.75 18.11
C TRP D 274 19.06 28.72 18.83
N ILE E 1 -10.14 -2.15 3.51
CA ILE E 1 -10.35 -3.11 4.59
C ILE E 1 -9.08 -3.36 5.40
N GLN E 2 -7.94 -2.91 4.88
CA GLN E 2 -6.66 -3.15 5.54
C GLN E 2 -5.71 -1.96 5.46
N ARG E 3 -5.17 -1.56 6.62
CA ARG E 3 -4.23 -0.45 6.71
C ARG E 3 -2.95 -0.86 7.42
N THR E 4 -1.81 -0.45 6.88
CA THR E 4 -0.52 -0.78 7.47
C THR E 4 -0.20 0.15 8.63
N PRO E 5 0.45 -0.38 9.67
CA PRO E 5 0.71 0.42 10.88
C PRO E 5 1.81 1.48 10.69
N LYS E 6 1.57 2.65 11.25
CA LYS E 6 2.62 3.64 11.42
C LYS E 6 3.40 3.24 12.68
N ILE E 7 4.70 3.49 12.68
CA ILE E 7 5.53 3.06 13.80
C ILE E 7 6.47 4.16 14.29
N GLN E 8 6.44 4.42 15.59
CA GLN E 8 7.43 5.30 16.21
C GLN E 8 8.04 4.62 17.42
N VAL E 9 9.36 4.71 17.53
CA VAL E 9 10.09 4.15 18.67
C VAL E 9 10.77 5.29 19.41
N TYR E 10 10.58 5.34 20.72
CA TYR E 10 11.06 6.48 21.50
C TYR E 10 11.00 6.21 23.00
N SER E 11 11.68 7.04 23.77
CA SER E 11 11.65 6.91 25.24
C SER E 11 10.63 7.87 25.85
N ARG E 12 10.09 7.49 27.00
CA ARG E 12 9.14 8.33 27.71
C ARG E 12 9.78 9.64 28.15
N HIS E 13 10.99 9.56 28.69
CA HIS E 13 11.74 10.74 29.10
C HIS E 13 13.01 10.86 28.27
N PRO E 14 13.59 12.08 28.21
CA PRO E 14 14.88 12.25 27.54
C PRO E 14 15.86 11.22 28.04
N ALA E 15 16.54 10.53 27.13
CA ALA E 15 17.41 9.42 27.50
C ALA E 15 18.68 9.89 28.19
N GLU E 16 19.02 9.23 29.30
CA GLU E 16 20.30 9.43 29.95
C GLU E 16 20.92 8.06 30.24
N ASN E 17 22.12 7.83 29.75
CA ASN E 17 22.78 6.55 29.95
C ASN E 17 22.91 6.22 31.44
N GLY E 18 22.47 5.01 31.80
CA GLY E 18 22.56 4.56 33.17
C GLY E 18 21.35 4.89 34.02
N LYS E 19 20.45 5.69 33.48
CA LYS E 19 19.24 6.10 34.21
C LYS E 19 18.01 5.35 33.71
N SER E 20 17.22 4.83 34.65
CA SER E 20 16.00 4.08 34.31
C SER E 20 15.02 4.93 33.51
N ASN E 21 14.31 4.30 32.58
CA ASN E 21 13.43 5.00 31.65
C ASN E 21 12.39 4.02 31.11
N PHE E 22 11.61 4.45 30.13
CA PHE E 22 10.66 3.57 29.45
C PHE E 22 10.84 3.63 27.93
N LEU E 23 11.01 2.46 27.33
CA LEU E 23 11.11 2.36 25.88
C LEU E 23 9.71 2.15 25.29
N ASN E 24 9.32 3.03 24.37
CA ASN E 24 8.00 2.98 23.77
C ASN E 24 8.03 2.60 22.30
N CYS E 25 7.12 1.73 21.89
CA CYS E 25 6.85 1.52 20.48
C CYS E 25 5.39 1.79 20.20
N TYR E 26 5.13 2.88 19.47
CA TYR E 26 3.76 3.31 19.21
C TYR E 26 3.34 2.88 17.81
N VAL E 27 2.33 2.03 17.74
CA VAL E 27 1.79 1.59 16.46
C VAL E 27 0.36 2.12 16.29
N SER E 28 0.11 2.78 15.16
CA SER E 28 -1.19 3.43 14.94
C SER E 28 -1.64 3.36 13.49
N GLY E 29 -2.92 3.64 13.28
CA GLY E 29 -3.50 3.72 11.95
C GLY E 29 -3.62 2.40 11.21
N PHE E 30 -3.62 1.28 11.94
CA PHE E 30 -3.69 -0.02 11.30
C PHE E 30 -5.06 -0.71 11.39
N HIS E 31 -5.28 -1.66 10.50
CA HIS E 31 -6.51 -2.44 10.45
C HIS E 31 -6.26 -3.64 9.54
N PRO E 32 -6.59 -4.86 10.00
CA PRO E 32 -7.28 -5.22 11.25
C PRO E 32 -6.41 -5.02 12.49
N SER E 33 -6.96 -5.37 13.65
CA SER E 33 -6.31 -5.11 14.93
C SER E 33 -5.21 -6.13 15.28
N ASP E 34 -5.30 -7.33 14.70
CA ASP E 34 -4.28 -8.35 14.96
C ASP E 34 -2.91 -7.84 14.55
N ILE E 35 -1.99 -7.79 15.51
CA ILE E 35 -0.66 -7.27 15.23
C ILE E 35 0.37 -7.87 16.18
N GLU E 36 1.60 -8.01 15.69
CA GLU E 36 2.69 -8.53 16.50
C GLU E 36 3.70 -7.42 16.74
N VAL E 37 3.98 -7.15 18.01
CA VAL E 37 4.92 -6.10 18.36
C VAL E 37 5.90 -6.58 19.42
N ASP E 38 7.17 -6.65 19.06
CA ASP E 38 8.22 -7.04 20.00
C ASP E 38 9.22 -5.91 20.15
N LEU E 39 9.65 -5.68 21.39
CA LEU E 39 10.75 -4.75 21.65
C LEU E 39 12.02 -5.56 21.74
N LEU E 40 13.07 -5.11 21.07
CA LEU E 40 14.31 -5.88 20.98
C LEU E 40 15.47 -5.18 21.69
N LYS E 41 16.32 -5.98 22.33
CA LYS E 41 17.57 -5.49 22.88
C LYS E 41 18.72 -6.26 22.25
N ASN E 42 19.53 -5.57 21.45
CA ASN E 42 20.63 -6.22 20.75
C ASN E 42 20.13 -7.41 19.93
N GLY E 43 18.96 -7.25 19.32
CA GLY E 43 18.40 -8.26 18.44
C GLY E 43 17.53 -9.28 19.13
N GLU E 44 17.63 -9.35 20.46
CA GLU E 44 16.89 -10.35 21.21
C GLU E 44 15.57 -9.79 21.75
N ARG E 45 14.51 -10.60 21.69
CA ARG E 45 13.20 -10.18 22.15
C ARG E 45 13.20 -9.92 23.65
N ILE E 46 12.60 -8.80 24.05
CA ILE E 46 12.52 -8.44 25.47
C ILE E 46 11.31 -9.08 26.14
N GLU E 47 11.54 -9.62 27.34
CA GLU E 47 10.50 -10.31 28.08
C GLU E 47 9.51 -9.35 28.72
N LYS E 48 8.28 -9.83 28.92
CA LYS E 48 7.24 -9.10 29.66
C LYS E 48 7.02 -7.65 29.23
N VAL E 49 7.00 -7.42 27.92
CA VAL E 49 6.61 -6.12 27.39
C VAL E 49 5.12 -5.92 27.62
N GLU E 50 4.71 -4.71 27.98
CA GLU E 50 3.29 -4.43 28.19
C GLU E 50 2.75 -3.54 27.09
N HIS E 51 1.44 -3.44 27.02
CA HIS E 51 0.80 -2.60 26.00
C HIS E 51 -0.49 -1.97 26.51
N SER E 52 -0.89 -0.87 25.89
CA SER E 52 -2.11 -0.17 26.25
C SER E 52 -3.33 -0.95 25.79
N ASP E 53 -4.50 -0.54 26.26
CA ASP E 53 -5.75 -1.18 25.88
C ASP E 53 -6.17 -0.77 24.48
N LEU E 54 -6.52 -1.77 23.67
CA LEU E 54 -6.89 -1.53 22.28
C LEU E 54 -7.93 -0.42 22.13
N SER E 55 -7.59 0.58 21.31
CA SER E 55 -8.51 1.67 21.01
C SER E 55 -8.41 2.01 19.53
N PHE E 56 -9.26 2.92 19.08
CA PHE E 56 -9.23 3.31 17.66
C PHE E 56 -9.58 4.77 17.43
N SER E 57 -9.24 5.25 16.23
CA SER E 57 -9.42 6.65 15.87
C SER E 57 -10.72 6.86 15.08
N LYS E 58 -10.94 8.10 14.65
CA LYS E 58 -12.16 8.46 13.94
C LYS E 58 -12.40 7.63 12.69
N ASP E 59 -11.32 7.25 12.01
CA ASP E 59 -11.43 6.45 10.78
C ASP E 59 -11.47 4.95 11.05
N TRP E 60 -11.65 4.60 12.33
CA TRP E 60 -11.75 3.20 12.77
C TRP E 60 -10.41 2.48 12.85
N SER E 61 -9.33 3.16 12.51
CA SER E 61 -8.01 2.54 12.58
C SER E 61 -7.53 2.46 14.04
N PHE E 62 -6.83 1.38 14.36
CA PHE E 62 -6.44 1.10 15.74
C PHE E 62 -5.10 1.72 16.12
N TYR E 63 -4.90 1.90 17.41
CA TYR E 63 -3.59 2.28 17.92
C TYR E 63 -3.27 1.59 19.25
N LEU E 64 -2.00 1.30 19.46
CA LEU E 64 -1.52 0.65 20.67
C LEU E 64 -0.15 1.19 21.04
N LEU E 65 0.09 1.33 22.33
CA LEU E 65 1.43 1.67 22.83
C LEU E 65 2.02 0.46 23.53
N TYR E 66 3.16 -0.01 23.02
CA TYR E 66 3.89 -1.09 23.68
C TYR E 66 5.06 -0.48 24.42
N TYR E 67 5.31 -0.94 25.64
CA TYR E 67 6.35 -0.33 26.47
C TYR E 67 6.98 -1.30 27.45
N THR E 68 8.18 -0.94 27.91
CA THR E 68 8.89 -1.72 28.92
C THR E 68 9.91 -0.81 29.59
N GLU E 69 10.14 -1.04 30.88
CA GLU E 69 11.17 -0.31 31.60
C GLU E 69 12.52 -0.68 31.02
N PHE E 70 13.40 0.30 30.88
CA PHE E 70 14.76 0.02 30.38
C PHE E 70 15.77 1.08 30.81
N THR E 71 17.03 0.67 30.84
CA THR E 71 18.12 1.56 31.21
C THR E 71 19.11 1.64 30.06
N PRO E 72 19.02 2.71 29.25
CA PRO E 72 19.84 2.86 28.06
C PRO E 72 21.34 3.00 28.38
N THR E 73 22.17 2.50 27.48
CA THR E 73 23.62 2.64 27.60
C THR E 73 24.16 3.16 26.28
N GLU E 74 25.46 3.39 26.22
CA GLU E 74 26.09 3.87 25.00
C GLU E 74 26.00 2.85 23.85
N LYS E 75 26.17 1.59 24.18
CA LYS E 75 26.40 0.56 23.18
C LYS E 75 25.19 -0.35 22.91
N ASP E 76 24.30 -0.47 23.88
CA ASP E 76 23.11 -1.32 23.71
C ASP E 76 22.18 -0.76 22.63
N GLU E 77 21.76 -1.62 21.72
CA GLU E 77 20.87 -1.22 20.64
C GLU E 77 19.45 -1.70 20.90
N TYR E 78 18.48 -0.78 20.77
CA TYR E 78 17.09 -1.13 20.96
C TYR E 78 16.29 -0.88 19.69
N ALA E 79 15.24 -1.68 19.49
CA ALA E 79 14.43 -1.58 18.29
C ALA E 79 13.03 -2.12 18.53
N CYS E 80 12.14 -1.84 17.58
CA CYS E 80 10.78 -2.37 17.63
C CYS E 80 10.51 -3.18 16.38
N ARG E 81 10.04 -4.41 16.57
CA ARG E 81 9.76 -5.29 15.44
C ARG E 81 8.27 -5.54 15.31
N VAL E 82 7.71 -5.09 14.19
CA VAL E 82 6.27 -5.16 13.99
C VAL E 82 5.91 -6.05 12.81
N ASN E 83 4.95 -6.95 13.03
CA ASN E 83 4.39 -7.73 11.94
C ASN E 83 2.88 -7.53 11.89
N HIS E 84 2.36 -7.46 10.67
CA HIS E 84 0.95 -7.22 10.44
C HIS E 84 0.57 -7.92 9.14
N VAL E 85 -0.70 -8.21 8.94
CA VAL E 85 -1.14 -8.87 7.72
C VAL E 85 -0.66 -8.11 6.48
N THR E 86 -0.49 -6.80 6.62
CA THR E 86 -0.10 -5.94 5.51
C THR E 86 1.41 -5.95 5.24
N LEU E 87 2.17 -6.62 6.11
CA LEU E 87 3.61 -6.70 5.96
C LEU E 87 4.02 -8.12 5.56
N SER E 88 4.85 -8.21 4.52
CA SER E 88 5.36 -9.51 4.08
C SER E 88 6.32 -10.04 5.12
N GLN E 89 7.24 -9.18 5.54
CA GLN E 89 8.21 -9.52 6.55
C GLN E 89 8.14 -8.50 7.67
N PRO E 90 8.56 -8.90 8.88
CA PRO E 90 8.53 -7.97 10.01
C PRO E 90 9.28 -6.68 9.68
N LYS E 91 8.75 -5.54 10.09
CA LYS E 91 9.38 -4.24 9.94
C LYS E 91 10.12 -3.93 11.22
N ILE E 92 11.39 -3.62 11.12
CA ILE E 92 12.19 -3.28 12.30
C ILE E 92 12.52 -1.80 12.30
N VAL E 93 12.17 -1.12 13.39
CA VAL E 93 12.49 0.29 13.54
C VAL E 93 13.44 0.47 14.72
N LYS E 94 14.64 0.97 14.44
CA LYS E 94 15.65 1.15 15.48
C LYS E 94 15.35 2.37 16.33
N TRP E 95 15.61 2.25 17.62
CA TRP E 95 15.46 3.38 18.53
C TRP E 95 16.60 4.37 18.34
N ASP E 96 16.24 5.63 18.11
CA ASP E 96 17.20 6.71 18.02
C ASP E 96 16.90 7.71 19.13
N ARG E 97 17.87 7.91 20.01
CA ARG E 97 17.66 8.71 21.22
C ARG E 97 17.32 10.18 20.97
N ASP E 98 17.60 10.70 19.78
CA ASP E 98 17.19 12.08 19.48
C ASP E 98 15.99 12.17 18.54
N MET E 99 15.17 11.13 18.51
CA MET E 99 13.96 11.17 17.70
C MET E 99 12.73 10.64 18.45
N HIS F 1 -21.43 3.12 30.88
CA HIS F 1 -21.95 2.36 29.75
C HIS F 1 -23.46 2.52 29.61
N VAL F 2 -23.96 2.41 28.40
CA VAL F 2 -25.38 2.36 28.17
C VAL F 2 -25.91 0.98 28.45
N ALA F 3 -27.00 0.90 29.18
CA ALA F 3 -27.60 -0.37 29.56
C ALA F 3 -28.62 -0.83 28.57
N VAL F 4 -28.42 -0.53 27.32
CA VAL F 4 -29.35 -0.85 26.28
C VAL F 4 -28.54 -1.74 25.40
N GLU F 5 -29.09 -2.91 25.11
CA GLU F 5 -28.34 -3.91 24.37
C GLU F 5 -29.20 -4.50 23.27
N ASN F 6 -28.67 -4.48 22.05
CA ASN F 6 -29.39 -4.97 20.90
C ASN F 6 -28.44 -5.50 19.84
N ALA F 7 -28.51 -6.79 19.58
CA ALA F 7 -27.66 -7.42 18.58
C ALA F 7 -27.94 -6.81 17.21
N LEU F 8 -26.91 -6.73 16.38
CA LEU F 8 -27.06 -6.22 15.02
C LEU F 8 -27.84 -7.20 14.16
#